data_9OMS
#
_entry.id   9OMS
#
_cell.length_a   124.470
_cell.length_b   124.470
_cell.length_c   129.900
_cell.angle_alpha   90.00
_cell.angle_beta   90.00
_cell.angle_gamma   120.00
#
_symmetry.space_group_name_H-M   'P 31'
#
loop_
_entity.id
_entity.type
_entity.pdbx_description
1 polymer Acetylcholinesterase
2 non-polymer 2-(hydroxyimino)-N-{2-[(3S)-1-(3-{[(2E)-2-(hydroxyimino)acetyl]amino}propyl)piperidin-3-yl]ethyl}acetamide
3 non-polymer 'NITRATE ION'
4 non-polymer GLYCEROL
5 water water
#
_entity_poly.entity_id   1
_entity_poly.type   'polypeptide(L)'
_entity_poly.pdbx_seq_one_letter_code
;GPLEGREDAELLVTVRGGRLRGIRLKTPGGPVSAFLGIPFAEPPMGPRRFLPPEPKQPWSGVVDATTFQSVCYQYVDTLY
PGFEGTEMWNPNRELSEDCLYLNVWTPYPRPTSPTPVLVWIYGGGFYSGASSLDVYDGRFLVQAERTVLVSMNYRVGAFG
FLALPGSREAPGNVGLLDQRLALQWVQENVAAFGGDPTSVTLFGESAGAASVGMHLLSPPSRGLFHRAVLQSGAPNGPWA
TVGMGEARRRATQLAHLVGCPPGGTGGNDTELVACLRTRPAQVLVNHEWHVLPQESVFRFSFVPVVDGDFLSDTPEALIN
AGDFHGLQVLVGVVKDEGSYFLVYGAPGFSKDNESLISRAEFLAGVRVGVPQVSDLAAEAVVLHYTDWLHPEDPARLREA
LSDVVGDHNVVCPVAQLAGRLAAQGARVYAYVFEHRASTLSWPLWMGVPHGYEIEFIFGIPLDPSRNYTAEEKIFAQRLM
RYWANFARTGDPNEPRDPKAPQWPPYTAGAQQYVSLDLRPLEVRRGLRAQACAFWNRFLPKLLSATDTLD
;
_entity_poly.pdbx_strand_id   A,B
#
# COMPACT_ATOMS: atom_id res chain seq x y z
N GLU A 7 12.93 -30.54 -30.97
CA GLU A 7 14.08 -29.75 -30.56
C GLU A 7 14.63 -28.93 -31.72
N ASP A 8 14.81 -27.63 -31.48
CA ASP A 8 15.41 -26.74 -32.46
C ASP A 8 16.87 -26.52 -32.10
N ALA A 9 17.75 -26.65 -33.10
CA ALA A 9 19.18 -26.43 -32.88
C ALA A 9 19.48 -24.99 -32.51
N GLU A 10 18.57 -24.06 -32.81
CA GLU A 10 18.81 -22.65 -32.53
C GLU A 10 18.50 -22.28 -31.08
N LEU A 11 17.68 -23.06 -30.39
CA LEU A 11 17.37 -22.79 -29.00
C LEU A 11 18.43 -23.32 -28.04
N LEU A 12 19.49 -23.93 -28.55
CA LEU A 12 20.60 -24.41 -27.74
C LEU A 12 21.82 -23.55 -28.06
N VAL A 13 22.34 -22.86 -27.04
CA VAL A 13 23.45 -21.93 -27.20
C VAL A 13 24.41 -22.11 -26.04
N THR A 14 25.71 -22.09 -26.34
CA THR A 14 26.76 -22.20 -25.33
C THR A 14 27.41 -20.84 -25.15
N VAL A 15 27.52 -20.40 -23.90
CA VAL A 15 28.25 -19.18 -23.56
C VAL A 15 29.46 -19.55 -22.73
N ARG A 16 30.21 -18.55 -22.25
CA ARG A 16 31.46 -18.80 -21.56
C ARG A 16 31.26 -19.49 -20.22
N GLY A 17 30.05 -19.46 -19.65
CA GLY A 17 29.81 -20.06 -18.36
C GLY A 17 29.18 -21.44 -18.45
N GLY A 18 28.58 -21.75 -19.59
CA GLY A 18 27.94 -23.04 -19.77
C GLY A 18 26.94 -22.98 -20.92
N ARG A 19 26.07 -23.98 -20.96
CA ARG A 19 25.09 -24.12 -22.02
C ARG A 19 23.73 -23.60 -21.57
N LEU A 20 22.93 -23.15 -22.53
CA LEU A 20 21.61 -22.59 -22.27
C LEU A 20 20.59 -23.22 -23.21
N ARG A 21 19.34 -23.24 -22.76
CA ARG A 21 18.21 -23.63 -23.60
C ARG A 21 17.22 -22.48 -23.62
N GLY A 22 16.96 -21.95 -24.81
CA GLY A 22 16.06 -20.83 -24.98
C GLY A 22 14.64 -21.26 -25.29
N ILE A 23 13.85 -20.30 -25.76
CA ILE A 23 12.45 -20.51 -26.08
C ILE A 23 12.10 -19.70 -27.32
N ARG A 24 11.17 -20.22 -28.11
CA ARG A 24 10.71 -19.55 -29.32
C ARG A 24 9.46 -18.74 -29.00
N LEU A 25 9.49 -17.46 -29.33
CA LEU A 25 8.38 -16.55 -29.09
C LEU A 25 7.68 -16.22 -30.41
N LYS A 26 6.36 -16.23 -30.39
CA LYS A 26 5.56 -15.97 -31.58
C LYS A 26 5.23 -14.48 -31.68
N THR A 27 5.40 -13.95 -32.88
CA THR A 27 4.95 -12.61 -33.26
C THR A 27 4.15 -12.74 -34.55
N PRO A 28 3.25 -11.79 -34.84
CA PRO A 28 2.46 -11.88 -36.08
C PRO A 28 3.29 -11.91 -37.35
N GLY A 29 4.58 -11.58 -37.30
CA GLY A 29 5.40 -11.56 -38.48
C GLY A 29 6.49 -12.63 -38.51
N GLY A 30 6.52 -13.50 -37.51
CA GLY A 30 7.50 -14.56 -37.46
C GLY A 30 8.02 -14.82 -36.06
N PRO A 31 8.71 -15.94 -35.89
CA PRO A 31 9.21 -16.31 -34.56
C PRO A 31 10.48 -15.55 -34.19
N VAL A 32 10.82 -15.63 -32.91
CA VAL A 32 12.02 -15.00 -32.34
C VAL A 32 12.58 -15.92 -31.27
N SER A 33 13.90 -16.06 -31.26
CA SER A 33 14.57 -16.86 -30.23
C SER A 33 14.87 -15.98 -29.01
N ALA A 34 14.48 -16.46 -27.83
CA ALA A 34 14.67 -15.73 -26.59
C ALA A 34 15.39 -16.60 -25.58
N PHE A 35 16.28 -15.98 -24.81
CA PHE A 35 17.05 -16.66 -23.77
C PHE A 35 16.89 -15.84 -22.50
N LEU A 36 15.84 -16.15 -21.74
CA LEU A 36 15.40 -15.34 -20.60
C LEU A 36 15.90 -15.94 -19.30
N GLY A 37 16.60 -15.15 -18.50
CA GLY A 37 17.06 -15.57 -17.21
C GLY A 37 18.48 -16.07 -17.13
N ILE A 38 19.38 -15.56 -17.98
CA ILE A 38 20.78 -15.98 -17.96
C ILE A 38 21.46 -15.39 -16.73
N PRO A 39 22.02 -16.21 -15.84
CA PRO A 39 22.77 -15.65 -14.70
C PRO A 39 24.08 -15.04 -15.17
N PHE A 40 24.29 -13.78 -14.80
CA PHE A 40 25.54 -13.10 -15.11
C PHE A 40 26.33 -12.70 -13.87
N ALA A 41 25.83 -13.01 -12.67
CA ALA A 41 26.54 -12.68 -11.45
C ALA A 41 26.19 -13.71 -10.38
N GLU A 42 27.11 -13.88 -9.43
CA GLU A 42 26.79 -14.67 -8.26
C GLU A 42 25.66 -14.00 -7.48
N PRO A 43 24.70 -14.77 -6.96
CA PRO A 43 23.59 -14.17 -6.21
C PRO A 43 24.10 -13.33 -5.05
N PRO A 44 23.79 -12.04 -5.04
CA PRO A 44 24.31 -11.12 -3.99
C PRO A 44 23.51 -11.22 -2.70
N MET A 45 23.62 -12.36 -2.03
CA MET A 45 22.90 -12.62 -0.79
C MET A 45 23.88 -12.72 0.38
N GLY A 46 23.32 -12.64 1.58
CA GLY A 46 24.08 -12.79 2.80
C GLY A 46 25.19 -11.77 2.93
N PRO A 47 26.43 -12.25 3.06
CA PRO A 47 27.57 -11.32 3.17
C PRO A 47 27.81 -10.49 1.92
N ARG A 48 27.18 -10.85 0.80
CA ARG A 48 27.35 -10.11 -0.45
C ARG A 48 26.33 -8.98 -0.63
N ARG A 49 25.42 -8.81 0.32
CA ARG A 49 24.48 -7.70 0.26
C ARG A 49 25.23 -6.38 0.40
N PHE A 50 24.87 -5.42 -0.45
CA PHE A 50 25.48 -4.09 -0.56
C PHE A 50 26.87 -4.12 -1.20
N LEU A 51 27.33 -5.26 -1.68
CA LEU A 51 28.66 -5.38 -2.26
C LEU A 51 28.62 -5.36 -3.77
N PRO A 52 29.71 -4.97 -4.42
CA PRO A 52 29.75 -5.04 -5.88
C PRO A 52 29.55 -6.46 -6.36
N PRO A 53 28.99 -6.65 -7.54
CA PRO A 53 28.72 -8.01 -8.02
C PRO A 53 30.00 -8.73 -8.43
N GLU A 54 29.98 -10.04 -8.25
CA GLU A 54 31.02 -10.90 -8.77
C GLU A 54 30.49 -11.72 -9.94
N PRO A 55 31.31 -12.01 -10.94
CA PRO A 55 30.80 -12.71 -12.12
C PRO A 55 30.30 -14.11 -11.78
N LYS A 56 29.31 -14.55 -12.54
CA LYS A 56 28.71 -15.87 -12.31
C LYS A 56 29.74 -16.97 -12.59
N GLN A 57 29.92 -17.85 -11.62
CA GLN A 57 30.81 -18.98 -11.81
C GLN A 57 30.25 -19.90 -12.90
N PRO A 58 31.12 -20.54 -13.68
CA PRO A 58 30.63 -21.45 -14.72
C PRO A 58 29.86 -22.62 -14.12
N TRP A 59 28.91 -23.13 -14.90
CA TRP A 59 28.02 -24.18 -14.46
C TRP A 59 28.08 -25.38 -15.38
N SER A 60 27.81 -26.55 -14.82
CA SER A 60 27.68 -27.77 -15.61
C SER A 60 26.23 -27.98 -16.01
N GLY A 61 26.02 -28.68 -17.11
CA GLY A 61 24.69 -28.94 -17.59
C GLY A 61 24.10 -27.78 -18.36
N VAL A 62 22.80 -27.88 -18.63
CA VAL A 62 22.07 -26.91 -19.43
C VAL A 62 21.18 -26.09 -18.50
N VAL A 63 21.49 -24.80 -18.38
CA VAL A 63 20.64 -23.90 -17.62
C VAL A 63 19.39 -23.58 -18.43
N ASP A 64 18.23 -23.68 -17.80
CA ASP A 64 16.96 -23.39 -18.47
C ASP A 64 16.80 -21.87 -18.59
N ALA A 65 16.71 -21.39 -19.82
CA ALA A 65 16.51 -19.96 -20.07
C ALA A 65 15.22 -19.72 -20.83
N THR A 66 14.12 -20.29 -20.34
CA THR A 66 12.83 -20.22 -21.02
C THR A 66 11.84 -19.29 -20.34
N THR A 67 12.20 -18.68 -19.21
CA THR A 67 11.30 -17.79 -18.51
C THR A 67 12.12 -16.76 -17.74
N PHE A 68 11.48 -15.63 -17.45
CA PHE A 68 12.15 -14.58 -16.69
C PHE A 68 12.45 -15.04 -15.28
N GLN A 69 13.55 -14.53 -14.72
CA GLN A 69 13.95 -14.88 -13.38
C GLN A 69 13.29 -13.92 -12.38
N SER A 70 13.77 -13.95 -11.13
CA SER A 70 13.12 -13.19 -10.07
C SER A 70 13.38 -11.71 -10.19
N VAL A 71 12.45 -10.92 -9.64
CA VAL A 71 12.57 -9.46 -9.58
C VAL A 71 13.35 -9.09 -8.33
N CYS A 72 14.22 -8.10 -8.45
CA CYS A 72 14.97 -7.62 -7.30
C CYS A 72 14.01 -6.99 -6.29
N TYR A 73 14.36 -7.12 -5.01
CA TYR A 73 13.50 -6.61 -3.94
C TYR A 73 13.27 -5.12 -4.09
N GLN A 74 12.01 -4.71 -4.04
CA GLN A 74 11.65 -3.33 -4.30
C GLN A 74 10.28 -3.03 -3.71
N TYR A 75 10.02 -1.74 -3.54
CA TYR A 75 8.70 -1.29 -3.12
C TYR A 75 7.67 -1.59 -4.21
N VAL A 76 6.46 -1.96 -3.79
CA VAL A 76 5.37 -2.26 -4.71
C VAL A 76 4.31 -1.17 -4.55
N ASP A 77 3.97 -0.52 -5.67
CA ASP A 77 2.97 0.53 -5.65
C ASP A 77 1.60 -0.07 -5.38
N THR A 78 0.93 0.41 -4.32
CA THR A 78 -0.39 -0.08 -3.95
C THR A 78 -1.42 1.04 -3.83
N LEU A 79 -1.07 2.26 -4.22
CA LEU A 79 -1.98 3.39 -4.08
C LEU A 79 -3.20 3.28 -4.98
N TYR A 80 -3.21 2.36 -5.94
CA TYR A 80 -4.36 2.16 -6.83
C TYR A 80 -4.45 0.68 -7.18
N PRO A 81 -4.98 -0.14 -6.27
CA PRO A 81 -5.06 -1.58 -6.55
C PRO A 81 -5.92 -1.88 -7.77
N GLY A 82 -5.45 -2.80 -8.60
CA GLY A 82 -6.14 -3.18 -9.81
C GLY A 82 -5.99 -2.23 -10.98
N PHE A 83 -5.41 -1.04 -10.75
CA PHE A 83 -5.26 -0.05 -11.82
C PHE A 83 -4.12 -0.46 -12.75
N GLU A 84 -4.42 -0.48 -14.05
CA GLU A 84 -3.40 -0.87 -15.02
C GLU A 84 -2.27 0.15 -15.11
N GLY A 85 -2.58 1.43 -14.93
CA GLY A 85 -1.57 2.46 -15.10
C GLY A 85 -0.41 2.33 -14.12
N THR A 86 -0.70 1.89 -12.89
CA THR A 86 0.35 1.71 -11.90
C THR A 86 0.89 0.28 -11.88
N GLU A 87 0.02 -0.72 -12.07
CA GLU A 87 0.43 -2.10 -11.90
C GLU A 87 1.26 -2.63 -13.06
N MET A 88 1.24 -1.96 -14.21
CA MET A 88 2.10 -2.39 -15.32
C MET A 88 3.57 -2.23 -15.00
N TRP A 89 3.92 -1.42 -14.00
CA TRP A 89 5.30 -1.24 -13.57
C TRP A 89 5.65 -2.07 -12.35
N ASN A 90 4.67 -2.70 -11.70
CA ASN A 90 4.90 -3.50 -10.52
C ASN A 90 5.54 -4.84 -10.90
N PRO A 91 6.22 -5.50 -9.95
CA PRO A 91 6.88 -6.77 -10.26
C PRO A 91 5.89 -7.83 -10.72
N ASN A 92 6.27 -8.55 -11.78
CA ASN A 92 5.47 -9.64 -12.31
C ASN A 92 6.12 -11.00 -12.12
N ARG A 93 7.22 -11.06 -11.36
CA ARG A 93 7.79 -12.29 -10.86
C ARG A 93 7.98 -12.14 -9.36
N GLU A 94 8.26 -13.25 -8.68
CA GLU A 94 8.46 -13.21 -7.24
C GLU A 94 9.72 -12.41 -6.90
N LEU A 95 9.72 -11.81 -5.71
CA LEU A 95 10.84 -10.99 -5.28
C LEU A 95 11.92 -11.85 -4.65
N SER A 96 13.18 -11.45 -4.86
CA SER A 96 14.32 -12.19 -4.32
C SER A 96 15.57 -11.35 -4.51
N GLU A 97 16.49 -11.47 -3.56
CA GLU A 97 17.83 -10.90 -3.74
C GLU A 97 18.61 -11.66 -4.80
N ASP A 98 18.18 -12.87 -5.13
CA ASP A 98 18.76 -13.65 -6.23
C ASP A 98 18.06 -13.23 -7.52
N CYS A 99 18.51 -12.10 -8.07
CA CYS A 99 17.82 -11.49 -9.20
C CYS A 99 18.74 -11.03 -10.32
N LEU A 100 20.05 -11.20 -10.21
CA LEU A 100 20.99 -10.70 -11.22
C LEU A 100 20.99 -11.66 -12.41
N TYR A 101 20.02 -11.45 -13.30
CA TYR A 101 19.88 -12.24 -14.51
C TYR A 101 19.58 -11.31 -15.67
N LEU A 102 20.03 -11.69 -16.87
CA LEU A 102 19.79 -10.93 -18.07
C LEU A 102 19.06 -11.78 -19.11
N ASN A 103 18.57 -11.11 -20.15
CA ASN A 103 17.80 -11.75 -21.21
C ASN A 103 18.33 -11.32 -22.56
N VAL A 104 18.28 -12.25 -23.52
CA VAL A 104 18.76 -12.01 -24.88
C VAL A 104 17.67 -12.42 -25.86
N TRP A 105 17.21 -11.49 -26.67
CA TRP A 105 16.37 -11.78 -27.82
C TRP A 105 17.22 -11.75 -29.08
N THR A 106 16.93 -12.66 -30.01
CA THR A 106 17.68 -12.74 -31.25
C THR A 106 16.77 -13.29 -32.33
N PRO A 107 16.93 -12.85 -33.58
CA PRO A 107 15.95 -13.22 -34.62
C PRO A 107 16.08 -14.69 -35.02
N TYR A 108 14.99 -15.21 -35.59
CA TYR A 108 15.01 -16.50 -36.24
C TYR A 108 14.86 -16.30 -37.75
N PRO A 109 15.75 -16.87 -38.57
CA PRO A 109 16.91 -17.65 -38.10
C PRO A 109 17.99 -16.77 -37.50
N ARG A 110 18.84 -17.36 -36.66
CA ARG A 110 19.91 -16.62 -36.03
C ARG A 110 20.76 -15.93 -37.10
N PRO A 111 21.11 -14.65 -36.91
CA PRO A 111 21.90 -13.96 -37.93
C PRO A 111 23.25 -14.63 -38.15
N THR A 112 23.65 -14.72 -39.41
CA THR A 112 24.92 -15.35 -39.76
C THR A 112 26.08 -14.35 -39.74
N SER A 113 25.82 -13.09 -40.04
CA SER A 113 26.74 -11.98 -39.92
C SER A 113 26.48 -11.22 -38.63
N PRO A 114 27.53 -10.66 -38.01
CA PRO A 114 27.34 -9.94 -36.74
C PRO A 114 26.33 -8.80 -36.89
N THR A 115 25.45 -8.69 -35.90
CA THR A 115 24.31 -7.78 -35.91
C THR A 115 24.39 -6.79 -34.76
N PRO A 116 24.06 -5.52 -34.98
CA PRO A 116 24.10 -4.54 -33.89
C PRO A 116 23.20 -4.96 -32.73
N VAL A 117 23.64 -4.59 -31.53
CA VAL A 117 23.00 -5.03 -30.28
C VAL A 117 22.41 -3.81 -29.58
N LEU A 118 21.15 -3.95 -29.16
CA LEU A 118 20.48 -2.97 -28.32
C LEU A 118 20.43 -3.51 -26.89
N VAL A 119 20.79 -2.67 -25.92
CA VAL A 119 20.82 -3.06 -24.52
C VAL A 119 19.90 -2.13 -23.74
N TRP A 120 18.85 -2.71 -23.16
CA TRP A 120 17.82 -1.94 -22.45
C TRP A 120 18.11 -1.92 -20.96
N ILE A 121 18.00 -0.72 -20.37
CA ILE A 121 18.12 -0.53 -18.93
C ILE A 121 16.82 0.11 -18.46
N TYR A 122 16.06 -0.63 -17.65
CA TYR A 122 14.76 -0.13 -17.22
C TYR A 122 14.93 1.01 -16.22
N GLY A 123 13.87 1.82 -16.12
CA GLY A 123 13.79 2.88 -15.14
C GLY A 123 13.02 2.48 -13.92
N GLY A 124 12.62 3.49 -13.14
CA GLY A 124 11.89 3.24 -11.92
C GLY A 124 12.47 3.96 -10.72
N GLY A 125 13.07 5.13 -10.97
CA GLY A 125 13.59 5.96 -9.90
C GLY A 125 14.67 5.32 -9.06
N PHE A 126 15.38 4.33 -9.60
CA PHE A 126 16.41 3.56 -8.90
C PHE A 126 15.88 2.81 -7.69
N TYR A 127 14.55 2.75 -7.52
CA TYR A 127 13.93 2.02 -6.42
C TYR A 127 13.05 0.86 -6.87
N SER A 128 12.77 0.74 -8.18
CA SER A 128 11.89 -0.30 -8.68
C SER A 128 12.27 -0.61 -10.12
N GLY A 129 11.52 -1.51 -10.73
CA GLY A 129 11.74 -1.90 -12.11
C GLY A 129 12.19 -3.34 -12.23
N ALA A 130 12.00 -3.89 -13.42
CA ALA A 130 12.38 -5.26 -13.73
C ALA A 130 12.39 -5.43 -15.24
N SER A 131 13.31 -6.27 -15.72
CA SER A 131 13.41 -6.55 -17.14
C SER A 131 12.30 -7.46 -17.64
N SER A 132 11.48 -8.01 -16.75
CA SER A 132 10.43 -8.96 -17.11
C SER A 132 9.10 -8.30 -17.40
N LEU A 133 8.99 -6.98 -17.23
CA LEU A 133 7.72 -6.30 -17.44
C LEU A 133 7.24 -6.48 -18.89
N ASP A 134 5.91 -6.56 -19.04
CA ASP A 134 5.33 -6.83 -20.35
C ASP A 134 5.70 -5.76 -21.36
N VAL A 135 5.81 -4.50 -20.91
CA VAL A 135 6.11 -3.40 -21.83
C VAL A 135 7.56 -3.41 -22.31
N TYR A 136 8.40 -4.27 -21.76
CA TYR A 136 9.77 -4.42 -22.22
C TYR A 136 9.97 -5.67 -23.06
N ASP A 137 8.87 -6.30 -23.52
CA ASP A 137 8.95 -7.49 -24.35
C ASP A 137 9.65 -7.17 -25.67
N GLY A 138 10.82 -7.75 -25.88
CA GLY A 138 11.64 -7.46 -27.03
C GLY A 138 11.37 -8.28 -28.27
N ARG A 139 10.27 -9.04 -28.32
CA ARG A 139 10.04 -9.92 -29.46
C ARG A 139 9.65 -9.14 -30.70
N PHE A 140 8.91 -8.04 -30.54
CA PHE A 140 8.45 -7.29 -31.71
C PHE A 140 9.54 -6.42 -32.30
N LEU A 141 10.43 -5.88 -31.45
CA LEU A 141 11.54 -5.08 -31.97
C LEU A 141 12.56 -5.94 -32.69
N VAL A 142 12.91 -7.10 -32.10
CA VAL A 142 13.90 -7.98 -32.72
C VAL A 142 13.36 -8.56 -34.02
N GLN A 143 12.06 -8.87 -34.06
CA GLN A 143 11.47 -9.43 -35.28
C GLN A 143 11.45 -8.40 -36.39
N ALA A 144 10.97 -7.19 -36.10
CA ALA A 144 10.75 -6.21 -37.15
C ALA A 144 12.06 -5.66 -37.71
N GLU A 145 13.08 -5.50 -36.87
CA GLU A 145 14.31 -4.86 -37.28
C GLU A 145 15.53 -5.76 -37.26
N ARG A 146 15.36 -7.04 -36.93
CA ARG A 146 16.43 -8.04 -37.01
C ARG A 146 17.69 -7.59 -36.29
N THR A 147 17.51 -7.03 -35.10
CA THR A 147 18.61 -6.68 -34.21
C THR A 147 18.62 -7.62 -33.03
N VAL A 148 19.67 -7.54 -32.22
CA VAL A 148 19.81 -8.33 -31.01
C VAL A 148 19.54 -7.44 -29.81
N LEU A 149 18.61 -7.85 -28.96
CA LEU A 149 18.21 -7.07 -27.79
C LEU A 149 18.62 -7.79 -26.52
N VAL A 150 19.30 -7.06 -25.63
CA VAL A 150 19.69 -7.57 -24.33
C VAL A 150 19.11 -6.65 -23.26
N SER A 151 18.63 -7.24 -22.17
CA SER A 151 18.13 -6.48 -21.04
C SER A 151 18.49 -7.22 -19.76
N MET A 152 18.92 -6.47 -18.75
CA MET A 152 19.40 -7.05 -17.50
C MET A 152 18.58 -6.52 -16.33
N ASN A 153 18.65 -7.27 -15.23
CA ASN A 153 18.17 -6.80 -13.94
C ASN A 153 19.33 -6.21 -13.16
N TYR A 154 19.07 -5.13 -12.43
CA TYR A 154 20.06 -4.56 -11.55
C TYR A 154 19.42 -4.23 -10.21
N ARG A 155 20.22 -4.29 -9.15
CA ARG A 155 19.69 -4.07 -7.81
C ARG A 155 19.21 -2.64 -7.66
N VAL A 156 18.02 -2.48 -7.07
CA VAL A 156 17.42 -1.18 -6.84
C VAL A 156 17.23 -0.99 -5.34
N GLY A 157 16.84 0.23 -4.97
CA GLY A 157 16.61 0.53 -3.57
C GLY A 157 17.89 0.47 -2.76
N ALA A 158 17.75 0.13 -1.48
CA ALA A 158 18.91 0.04 -0.60
C ALA A 158 19.88 -1.05 -1.06
N PHE A 159 19.36 -2.14 -1.63
CA PHE A 159 20.22 -3.23 -2.08
C PHE A 159 21.12 -2.81 -3.23
N GLY A 160 20.74 -1.76 -3.96
CA GLY A 160 21.55 -1.31 -5.08
C GLY A 160 22.29 -0.02 -4.82
N PHE A 161 21.80 0.81 -3.89
CA PHE A 161 22.35 2.15 -3.77
C PHE A 161 22.44 2.67 -2.34
N LEU A 162 22.25 1.83 -1.31
CA LEU A 162 22.60 2.25 0.04
C LEU A 162 24.09 2.47 0.11
N ALA A 163 24.50 3.64 0.59
CA ALA A 163 25.90 4.05 0.54
C ALA A 163 26.33 4.63 1.89
N LEU A 164 27.36 4.02 2.47
CA LEU A 164 28.16 4.63 3.52
C LEU A 164 29.49 4.98 2.88
N PRO A 165 29.64 6.17 2.30
CA PRO A 165 30.77 6.43 1.40
C PRO A 165 32.11 6.29 2.11
N GLY A 166 33.10 5.81 1.36
CA GLY A 166 34.42 5.55 1.87
C GLY A 166 34.61 4.18 2.48
N SER A 167 33.53 3.57 2.97
CA SER A 167 33.62 2.28 3.61
C SER A 167 33.68 1.16 2.57
N ARG A 168 34.21 0.01 3.01
CA ARG A 168 34.33 -1.16 2.15
C ARG A 168 33.10 -2.03 2.14
N GLU A 169 32.25 -1.93 3.17
CA GLU A 169 31.11 -2.83 3.31
C GLU A 169 29.90 -2.35 2.51
N ALA A 170 29.77 -1.05 2.31
CA ALA A 170 28.66 -0.47 1.53
C ALA A 170 29.18 0.72 0.74
N PRO A 171 29.87 0.46 -0.37
CA PRO A 171 30.47 1.57 -1.13
C PRO A 171 29.45 2.38 -1.90
N GLY A 172 28.28 1.83 -2.17
CA GLY A 172 27.29 2.49 -3.00
C GLY A 172 27.50 2.19 -4.48
N ASN A 173 26.48 2.56 -5.27
CA ASN A 173 26.50 2.45 -6.72
C ASN A 173 26.63 1.00 -7.20
N VAL A 174 26.41 0.02 -6.34
CA VAL A 174 26.57 -1.37 -6.75
C VAL A 174 25.53 -1.74 -7.80
N GLY A 175 24.38 -1.06 -7.81
CA GLY A 175 23.40 -1.29 -8.86
C GLY A 175 23.89 -0.85 -10.22
N LEU A 176 24.70 0.22 -10.28
CA LEU A 176 25.31 0.61 -11.53
C LEU A 176 26.39 -0.38 -11.95
N LEU A 177 27.11 -0.94 -10.98
CA LEU A 177 28.08 -1.98 -11.29
C LEU A 177 27.39 -3.25 -11.78
N ASP A 178 26.19 -3.53 -11.28
CA ASP A 178 25.40 -4.62 -11.82
C ASP A 178 25.18 -4.45 -13.32
N GLN A 179 24.85 -3.23 -13.75
CA GLN A 179 24.65 -2.96 -15.16
C GLN A 179 25.96 -3.08 -15.94
N ARG A 180 27.06 -2.61 -15.35
CA ARG A 180 28.35 -2.69 -16.04
C ARG A 180 28.76 -4.14 -16.25
N LEU A 181 28.58 -4.99 -15.24
CA LEU A 181 28.91 -6.41 -15.38
C LEU A 181 28.10 -7.05 -16.50
N ALA A 182 26.83 -6.67 -16.63
CA ALA A 182 26.02 -7.17 -17.73
C ALA A 182 26.53 -6.67 -19.08
N LEU A 183 27.12 -5.47 -19.10
CA LEU A 183 27.71 -4.97 -20.34
C LEU A 183 29.00 -5.71 -20.66
N GLN A 184 29.78 -6.06 -19.63
CA GLN A 184 30.93 -6.92 -19.84
C GLN A 184 30.49 -8.30 -20.32
N TRP A 185 29.35 -8.79 -19.83
CA TRP A 185 28.82 -10.06 -20.30
C TRP A 185 28.45 -10.00 -21.77
N VAL A 186 27.81 -8.91 -22.19
CA VAL A 186 27.44 -8.74 -23.60
C VAL A 186 28.68 -8.72 -24.47
N GLN A 187 29.74 -8.06 -24.00
CA GLN A 187 30.98 -8.01 -24.78
C GLN A 187 31.56 -9.41 -24.99
N GLU A 188 31.41 -10.29 -24.00
CA GLU A 188 32.06 -11.59 -24.03
C GLU A 188 31.19 -12.69 -24.62
N ASN A 189 29.88 -12.50 -24.73
CA ASN A 189 28.98 -13.60 -25.08
C ASN A 189 27.93 -13.27 -26.15
N VAL A 190 27.71 -12.00 -26.48
CA VAL A 190 26.64 -11.68 -27.41
C VAL A 190 26.93 -12.18 -28.83
N ALA A 191 28.20 -12.49 -29.13
CA ALA A 191 28.52 -13.06 -30.43
C ALA A 191 27.92 -14.45 -30.59
N ALA A 192 27.79 -15.20 -29.50
CA ALA A 192 27.19 -16.53 -29.56
C ALA A 192 25.73 -16.49 -30.00
N PHE A 193 25.08 -15.34 -29.86
CA PHE A 193 23.70 -15.15 -30.28
C PHE A 193 23.60 -14.45 -31.63
N GLY A 194 24.71 -14.23 -32.31
CA GLY A 194 24.72 -13.52 -33.56
C GLY A 194 24.81 -12.01 -33.43
N GLY A 195 25.26 -11.50 -32.29
CA GLY A 195 25.32 -10.07 -32.06
C GLY A 195 26.74 -9.53 -32.21
N ASP A 196 26.83 -8.28 -32.64
CA ASP A 196 28.11 -7.63 -32.87
C ASP A 196 28.54 -6.89 -31.62
N PRO A 197 29.58 -7.34 -30.90
CA PRO A 197 30.02 -6.61 -29.71
C PRO A 197 30.70 -5.29 -30.02
N THR A 198 30.97 -4.98 -31.29
CA THR A 198 31.52 -3.69 -31.67
C THR A 198 30.45 -2.66 -32.02
N SER A 199 29.17 -3.04 -31.91
CA SER A 199 28.05 -2.15 -32.21
C SER A 199 26.98 -2.33 -31.14
N VAL A 200 27.26 -1.82 -29.95
CA VAL A 200 26.37 -1.93 -28.79
C VAL A 200 25.78 -0.55 -28.52
N THR A 201 24.46 -0.46 -28.56
CA THR A 201 23.74 0.79 -28.31
C THR A 201 22.92 0.64 -27.04
N LEU A 202 23.29 1.41 -26.01
CA LEU A 202 22.50 1.45 -24.79
C LEU A 202 21.27 2.32 -24.99
N PHE A 203 20.17 1.92 -24.35
CA PHE A 203 18.99 2.77 -24.30
C PHE A 203 18.16 2.43 -23.07
N GLY A 204 17.69 3.48 -22.40
CA GLY A 204 16.90 3.33 -21.20
C GLY A 204 15.99 4.52 -21.02
N GLU A 205 15.07 4.40 -20.06
CA GLU A 205 14.09 5.43 -19.79
C GLU A 205 14.13 5.80 -18.32
N SER A 206 13.94 7.09 -18.04
CA SER A 206 13.86 7.63 -16.68
C SER A 206 15.16 7.30 -15.95
N ALA A 207 15.13 6.57 -14.83
CA ALA A 207 16.36 6.21 -14.15
C ALA A 207 17.25 5.32 -15.01
N GLY A 208 16.67 4.64 -16.00
CA GLY A 208 17.49 3.92 -16.97
C GLY A 208 18.25 4.87 -17.87
N ALA A 209 17.58 5.94 -18.31
CA ALA A 209 18.27 6.96 -19.12
C ALA A 209 19.35 7.65 -18.29
N ALA A 210 19.05 7.95 -17.02
CA ALA A 210 20.08 8.47 -16.14
C ALA A 210 21.25 7.49 -16.03
N SER A 211 20.95 6.19 -15.93
CA SER A 211 22.00 5.19 -15.87
C SER A 211 22.85 5.21 -17.14
N VAL A 212 22.20 5.27 -18.30
CA VAL A 212 22.92 5.35 -19.57
C VAL A 212 23.85 6.57 -19.57
N GLY A 213 23.38 7.69 -19.02
CA GLY A 213 24.21 8.87 -18.95
C GLY A 213 25.42 8.69 -18.06
N MET A 214 25.24 8.05 -16.90
CA MET A 214 26.37 7.81 -16.01
C MET A 214 27.36 6.82 -16.56
N HIS A 215 26.95 5.97 -17.51
CA HIS A 215 27.91 5.09 -18.18
C HIS A 215 28.72 5.84 -19.22
N LEU A 216 28.14 6.87 -19.86
CA LEU A 216 28.92 7.76 -20.72
C LEU A 216 30.00 8.48 -19.94
N LEU A 217 29.73 8.80 -18.67
CA LEU A 217 30.64 9.58 -17.85
C LEU A 217 31.57 8.71 -17.00
N SER A 218 31.42 7.39 -17.05
CA SER A 218 32.31 6.49 -16.31
C SER A 218 33.28 5.84 -17.28
N PRO A 219 34.58 6.08 -17.15
CA PRO A 219 35.56 5.52 -18.10
C PRO A 219 35.49 4.00 -18.19
N PRO A 220 35.40 3.26 -17.08
CA PRO A 220 35.39 1.79 -17.21
C PRO A 220 34.18 1.26 -17.98
N SER A 221 33.12 2.05 -18.12
CA SER A 221 31.95 1.62 -18.87
C SER A 221 31.94 2.11 -20.32
N ARG A 222 32.73 3.14 -20.64
CA ARG A 222 32.67 3.74 -21.96
C ARG A 222 33.12 2.77 -23.06
N GLY A 223 34.08 1.90 -22.77
CA GLY A 223 34.53 0.94 -23.76
C GLY A 223 33.60 -0.22 -24.00
N LEU A 224 32.48 -0.30 -23.28
CA LEU A 224 31.55 -1.41 -23.40
C LEU A 224 30.37 -1.09 -24.32
N PHE A 225 30.29 0.12 -24.85
CA PHE A 225 29.23 0.48 -25.79
C PHE A 225 29.73 1.61 -26.67
N HIS A 226 28.91 1.98 -27.65
CA HIS A 226 29.37 2.90 -28.69
C HIS A 226 28.35 4.01 -28.95
N ARG A 227 27.08 3.75 -28.67
CA ARG A 227 26.02 4.74 -28.82
C ARG A 227 25.16 4.74 -27.56
N ALA A 228 24.30 5.75 -27.46
CA ALA A 228 23.48 5.91 -26.26
C ALA A 228 22.15 6.55 -26.63
N VAL A 229 21.09 6.10 -25.96
CA VAL A 229 19.76 6.68 -26.08
C VAL A 229 19.24 6.98 -24.68
N LEU A 230 18.85 8.22 -24.44
CA LEU A 230 18.35 8.67 -23.14
C LEU A 230 16.93 9.17 -23.30
N GLN A 231 15.97 8.40 -22.80
CA GLN A 231 14.55 8.72 -22.93
C GLN A 231 14.03 9.22 -21.58
N SER A 232 13.69 10.50 -21.53
CA SER A 232 13.05 11.10 -20.35
C SER A 232 13.90 10.94 -19.10
N GLY A 233 15.21 11.19 -19.23
CA GLY A 233 16.11 11.08 -18.10
C GLY A 233 17.53 11.48 -18.41
N ALA A 234 18.27 11.92 -17.39
CA ALA A 234 19.64 12.37 -17.57
C ALA A 234 20.37 12.21 -16.26
N PRO A 235 21.69 11.99 -16.27
CA PRO A 235 22.42 11.84 -15.01
C PRO A 235 22.53 13.13 -14.22
N ASN A 236 22.35 14.29 -14.86
CA ASN A 236 22.48 15.57 -14.19
C ASN A 236 21.17 16.06 -13.56
N GLY A 237 20.12 15.24 -13.60
CA GLY A 237 18.86 15.61 -12.99
C GLY A 237 18.98 15.77 -11.49
N PRO A 238 18.12 16.58 -10.89
CA PRO A 238 18.19 16.81 -9.44
C PRO A 238 17.84 15.59 -8.61
N TRP A 239 17.30 14.54 -9.22
CA TRP A 239 16.90 13.34 -8.51
C TRP A 239 17.83 12.15 -8.73
N ALA A 240 18.74 12.24 -9.70
CA ALA A 240 19.52 11.08 -10.12
C ALA A 240 20.74 10.82 -9.26
N THR A 241 21.20 11.81 -8.49
CA THR A 241 22.37 11.65 -7.64
C THR A 241 22.14 12.30 -6.29
N VAL A 242 22.97 11.92 -5.32
CA VAL A 242 22.98 12.52 -3.99
C VAL A 242 24.41 12.68 -3.53
N GLY A 243 24.62 13.61 -2.60
CA GLY A 243 25.93 13.82 -2.03
C GLY A 243 26.29 12.74 -1.02
N MET A 244 27.59 12.68 -0.72
CA MET A 244 28.08 11.66 0.21
C MET A 244 27.47 11.84 1.59
N GLY A 245 27.37 13.07 2.07
CA GLY A 245 26.82 13.30 3.40
C GLY A 245 25.34 12.94 3.48
N GLU A 246 24.58 13.22 2.42
CA GLU A 246 23.16 12.89 2.43
C GLU A 246 22.94 11.39 2.31
N ALA A 247 23.74 10.71 1.49
CA ALA A 247 23.63 9.26 1.36
C ALA A 247 23.96 8.58 2.69
N ARG A 248 24.93 9.12 3.42
CA ARG A 248 25.25 8.57 4.73
C ARG A 248 24.10 8.78 5.71
N ARG A 249 23.48 9.95 5.66
CA ARG A 249 22.36 10.24 6.55
C ARG A 249 21.18 9.31 6.28
N ARG A 250 20.89 9.06 4.99
CA ARG A 250 19.77 8.19 4.65
C ARG A 250 20.05 6.74 5.03
N ALA A 251 21.29 6.28 4.81
CA ALA A 251 21.64 4.92 5.20
C ALA A 251 21.57 4.74 6.71
N THR A 252 21.98 5.76 7.46
CA THR A 252 21.95 5.65 8.92
C THR A 252 20.52 5.69 9.45
N GLN A 253 19.65 6.49 8.84
CA GLN A 253 18.26 6.55 9.28
C GLN A 253 17.54 5.24 8.98
N LEU A 254 17.81 4.64 7.82
CA LEU A 254 17.23 3.34 7.51
C LEU A 254 17.71 2.29 8.51
N ALA A 255 18.99 2.31 8.85
CA ALA A 255 19.51 1.41 9.87
C ALA A 255 18.78 1.62 11.20
N HIS A 256 18.58 2.88 11.59
CA HIS A 256 17.89 3.17 12.84
C HIS A 256 16.45 2.66 12.81
N LEU A 257 15.77 2.82 11.68
CA LEU A 257 14.37 2.42 11.59
C LEU A 257 14.17 0.91 11.69
N VAL A 258 15.21 0.13 11.40
CA VAL A 258 15.13 -1.33 11.52
C VAL A 258 15.91 -1.85 12.73
N GLY A 259 16.27 -0.96 13.66
CA GLY A 259 16.92 -1.38 14.88
C GLY A 259 18.42 -1.56 14.79
N CYS A 260 19.10 -0.83 13.92
CA CYS A 260 20.55 -0.91 13.77
C CYS A 260 21.16 0.45 14.04
N PRO A 261 22.12 0.57 14.97
CA PRO A 261 22.64 -0.53 15.78
C PRO A 261 21.77 -0.83 17.00
N PRO A 262 21.90 -2.03 17.57
CA PRO A 262 21.15 -2.35 18.79
C PRO A 262 21.64 -1.50 19.96
N GLY A 263 20.73 -0.72 20.54
CA GLY A 263 21.10 0.18 21.62
C GLY A 263 21.55 -0.59 22.85
N GLY A 264 22.76 -0.32 23.32
CA GLY A 264 23.64 0.65 22.70
C GLY A 264 25.02 0.11 22.39
N THR A 265 25.29 -0.10 21.11
CA THR A 265 26.56 -0.67 20.66
C THR A 265 27.32 0.22 19.70
N GLY A 266 26.65 1.07 18.94
CA GLY A 266 27.30 1.78 17.86
C GLY A 266 27.51 0.88 16.66
N GLY A 267 28.12 1.45 15.62
CA GLY A 267 28.56 2.83 15.62
C GLY A 267 29.25 3.17 14.31
N ASN A 268 30.40 2.55 14.08
CA ASN A 268 31.13 2.76 12.83
C ASN A 268 30.41 2.04 11.69
N ASP A 269 30.94 2.19 10.47
CA ASP A 269 30.27 1.66 9.30
C ASP A 269 30.26 0.14 9.29
N THR A 270 31.27 -0.50 9.89
CA THR A 270 31.35 -1.95 9.86
C THR A 270 30.22 -2.58 10.68
N GLU A 271 30.02 -2.10 11.91
CA GLU A 271 28.95 -2.64 12.74
C GLU A 271 27.57 -2.29 12.17
N LEU A 272 27.45 -1.15 11.49
CA LEU A 272 26.16 -0.75 10.94
C LEU A 272 25.75 -1.66 9.78
N VAL A 273 26.64 -1.86 8.81
CA VAL A 273 26.32 -2.69 7.66
C VAL A 273 26.12 -4.14 8.08
N ALA A 274 26.93 -4.61 9.02
CA ALA A 274 26.78 -5.98 9.51
C ALA A 274 25.39 -6.20 10.11
N CYS A 275 24.90 -5.22 10.89
CA CYS A 275 23.54 -5.32 11.42
C CYS A 275 22.51 -5.29 10.30
N LEU A 276 22.75 -4.48 9.27
CA LEU A 276 21.81 -4.40 8.14
C LEU A 276 21.73 -5.72 7.39
N ARG A 277 22.84 -6.46 7.31
CA ARG A 277 22.84 -7.71 6.57
C ARG A 277 22.00 -8.79 7.25
N THR A 278 21.77 -8.67 8.55
CA THR A 278 20.97 -9.66 9.28
C THR A 278 19.48 -9.46 9.13
N ARG A 279 19.05 -8.30 8.65
CA ARG A 279 17.62 -8.02 8.56
C ARG A 279 17.03 -8.63 7.28
N PRO A 280 15.80 -9.14 7.35
CA PRO A 280 15.15 -9.64 6.14
C PRO A 280 14.99 -8.53 5.11
N ALA A 281 15.05 -8.90 3.84
CA ALA A 281 15.05 -7.91 2.76
C ALA A 281 13.77 -7.09 2.76
N GLN A 282 12.63 -7.72 3.03
CA GLN A 282 11.37 -6.98 3.05
C GLN A 282 11.32 -5.95 4.16
N VAL A 283 11.97 -6.23 5.30
CA VAL A 283 12.01 -5.27 6.38
C VAL A 283 12.70 -3.99 5.92
N LEU A 284 13.79 -4.12 5.16
CA LEU A 284 14.47 -2.95 4.63
C LEU A 284 13.58 -2.18 3.65
N VAL A 285 12.85 -2.91 2.81
CA VAL A 285 12.00 -2.27 1.81
C VAL A 285 10.88 -1.49 2.47
N ASN A 286 10.37 -1.99 3.59
CA ASN A 286 9.20 -1.39 4.24
C ASN A 286 9.48 -0.04 4.86
N HIS A 287 10.75 0.38 4.94
CA HIS A 287 11.11 1.67 5.54
C HIS A 287 11.84 2.58 4.56
N GLU A 288 11.84 2.23 3.26
CA GLU A 288 12.66 2.96 2.29
C GLU A 288 12.21 4.41 2.16
N TRP A 289 10.90 4.65 2.09
CA TRP A 289 10.40 6.00 1.86
C TRP A 289 10.47 6.88 3.10
N HIS A 290 10.62 6.28 4.28
CA HIS A 290 10.67 7.04 5.53
C HIS A 290 12.03 7.65 5.82
N VAL A 291 12.90 7.77 4.82
CA VAL A 291 14.20 8.40 4.97
C VAL A 291 14.37 9.63 4.10
N LEU A 292 13.39 9.94 3.25
CA LEU A 292 13.48 11.14 2.44
C LEU A 292 13.42 12.37 3.33
N PRO A 293 14.20 13.42 3.04
CA PRO A 293 14.30 14.55 3.98
C PRO A 293 13.02 15.33 4.14
N GLN A 294 12.23 15.52 3.08
CA GLN A 294 10.99 16.26 3.18
C GLN A 294 9.96 15.68 2.23
N GLU A 295 8.72 16.14 2.39
CA GLU A 295 7.65 15.78 1.47
C GLU A 295 7.98 16.33 0.09
N SER A 296 7.84 15.48 -0.93
CA SER A 296 8.26 15.84 -2.27
C SER A 296 7.64 14.90 -3.28
N VAL A 297 7.81 15.24 -4.54
CA VAL A 297 7.55 14.34 -5.66
C VAL A 297 8.82 14.28 -6.49
N PHE A 298 8.99 13.16 -7.21
CA PHE A 298 10.15 12.95 -8.08
C PHE A 298 11.46 12.98 -7.29
N ARG A 299 11.42 12.45 -6.07
CA ARG A 299 12.61 12.28 -5.24
C ARG A 299 12.63 10.87 -4.69
N PHE A 300 13.81 10.25 -4.70
CA PHE A 300 13.95 8.85 -4.35
C PHE A 300 15.06 8.66 -3.33
N SER A 301 14.88 7.66 -2.47
CA SER A 301 15.70 7.53 -1.27
C SER A 301 17.13 7.14 -1.59
N PHE A 302 17.32 6.08 -2.36
CA PHE A 302 18.63 5.51 -2.61
C PHE A 302 18.92 5.57 -4.10
N VAL A 303 19.79 6.51 -4.49
CA VAL A 303 20.12 6.78 -5.88
C VAL A 303 21.64 6.75 -6.01
N PRO A 304 22.20 6.81 -7.22
CA PRO A 304 23.67 6.86 -7.35
C PRO A 304 24.28 7.98 -6.53
N VAL A 305 25.37 7.66 -5.83
CA VAL A 305 26.09 8.62 -5.00
C VAL A 305 27.31 9.10 -5.76
N VAL A 306 27.73 10.33 -5.47
CA VAL A 306 28.95 10.89 -6.06
C VAL A 306 30.08 10.53 -5.09
N ASP A 307 30.49 9.26 -5.14
CA ASP A 307 31.50 8.75 -4.22
C ASP A 307 32.90 9.20 -4.59
N GLY A 308 33.20 9.25 -5.88
CA GLY A 308 34.55 9.46 -6.38
C GLY A 308 35.10 8.28 -7.15
N ASP A 309 34.49 7.11 -7.03
CA ASP A 309 34.92 5.92 -7.76
C ASP A 309 34.21 5.82 -9.10
N PHE A 310 32.94 5.39 -9.08
CA PHE A 310 32.18 5.28 -10.32
C PHE A 310 32.05 6.64 -11.00
N LEU A 311 31.80 7.69 -10.23
CA LEU A 311 31.73 9.05 -10.73
C LEU A 311 32.87 9.85 -10.09
N SER A 312 33.93 10.11 -10.86
CA SER A 312 35.06 10.87 -10.34
C SER A 312 34.66 12.28 -9.92
N ASP A 313 33.57 12.81 -10.48
CA ASP A 313 33.04 14.11 -10.10
C ASP A 313 31.53 14.07 -10.30
N THR A 314 30.88 15.20 -10.01
CA THR A 314 29.45 15.30 -10.23
C THR A 314 29.14 15.09 -11.71
N PRO A 315 27.96 14.54 -12.04
CA PRO A 315 27.59 14.40 -13.45
C PRO A 315 27.64 15.71 -14.21
N GLU A 316 27.29 16.82 -13.57
CA GLU A 316 27.34 18.12 -14.23
C GLU A 316 28.77 18.51 -14.57
N ALA A 317 29.71 18.27 -13.66
CA ALA A 317 31.10 18.61 -13.92
C ALA A 317 31.68 17.77 -15.04
N LEU A 318 31.39 16.47 -15.05
CA LEU A 318 31.93 15.59 -16.09
C LEU A 318 31.32 15.87 -17.45
N ILE A 319 30.06 16.32 -17.49
CA ILE A 319 29.43 16.65 -18.77
C ILE A 319 30.10 17.86 -19.40
N ASN A 320 30.49 18.85 -18.58
CA ASN A 320 31.09 20.06 -19.11
C ASN A 320 32.54 19.86 -19.54
N ALA A 321 33.30 19.00 -18.84
CA ALA A 321 34.70 18.79 -19.12
C ALA A 321 34.97 17.52 -19.92
N GLY A 322 34.00 17.10 -20.73
CA GLY A 322 34.07 15.81 -21.43
C GLY A 322 34.24 15.99 -22.93
N ASP A 323 35.07 15.12 -23.51
CA ASP A 323 35.23 15.03 -24.96
C ASP A 323 34.34 13.91 -25.47
N PHE A 324 33.37 14.25 -26.32
CA PHE A 324 32.37 13.30 -26.80
C PHE A 324 32.48 13.09 -28.30
N HIS A 325 33.66 13.30 -28.86
CA HIS A 325 33.87 13.06 -30.28
C HIS A 325 33.75 11.56 -30.59
N GLY A 326 33.13 11.26 -31.73
CA GLY A 326 32.92 9.88 -32.11
C GLY A 326 31.81 9.17 -31.37
N LEU A 327 30.87 9.93 -30.79
CA LEU A 327 29.75 9.36 -30.04
C LEU A 327 28.45 9.90 -30.61
N GLN A 328 27.49 9.02 -30.86
CA GLN A 328 26.16 9.39 -31.30
C GLN A 328 25.18 9.17 -30.16
N VAL A 329 24.31 10.15 -29.94
CA VAL A 329 23.35 10.11 -28.85
C VAL A 329 21.96 10.43 -29.39
N LEU A 330 20.98 9.60 -29.03
CA LEU A 330 19.58 9.92 -29.23
C LEU A 330 18.97 10.30 -27.88
N VAL A 331 18.19 11.38 -27.87
CA VAL A 331 17.70 11.96 -26.63
C VAL A 331 16.30 12.51 -26.88
N GLY A 332 15.48 12.51 -25.84
CA GLY A 332 14.14 13.05 -25.99
C GLY A 332 13.34 12.97 -24.71
N VAL A 333 12.12 13.50 -24.78
CA VAL A 333 11.19 13.56 -23.67
C VAL A 333 9.79 13.29 -24.20
N VAL A 334 8.84 13.16 -23.28
CA VAL A 334 7.44 13.06 -23.64
C VAL A 334 6.77 14.41 -23.42
N LYS A 335 5.55 14.56 -23.93
CA LYS A 335 4.90 15.87 -23.95
C LYS A 335 4.59 16.37 -22.55
N ASP A 336 4.20 15.48 -21.64
CA ASP A 336 3.77 15.86 -20.29
C ASP A 336 4.59 15.05 -19.28
N GLU A 337 5.81 15.50 -19.01
CA GLU A 337 6.72 14.74 -18.18
C GLU A 337 6.32 14.74 -16.71
N GLY A 338 5.64 15.80 -16.26
CA GLY A 338 5.42 15.96 -14.83
C GLY A 338 4.06 15.55 -14.31
N SER A 339 3.08 15.34 -15.21
CA SER A 339 1.71 15.11 -14.77
C SER A 339 1.57 13.83 -13.95
N TYR A 340 2.38 12.81 -14.26
CA TYR A 340 2.27 11.54 -13.54
C TYR A 340 2.59 11.69 -12.07
N PHE A 341 3.54 12.57 -11.74
CA PHE A 341 4.05 12.66 -10.38
C PHE A 341 3.20 13.54 -9.47
N LEU A 342 2.33 14.39 -10.05
CA LEU A 342 1.52 15.28 -9.22
C LEU A 342 0.53 14.52 -8.37
N VAL A 343 0.06 13.36 -8.85
CA VAL A 343 -0.88 12.55 -8.10
C VAL A 343 -0.24 11.96 -6.85
N TYR A 344 1.09 11.92 -6.78
CA TYR A 344 1.82 11.29 -5.68
C TYR A 344 2.29 12.30 -4.63
N GLY A 345 1.52 13.35 -4.35
CA GLY A 345 1.91 14.25 -3.29
C GLY A 345 1.47 15.69 -3.42
N ALA A 346 1.20 16.13 -4.64
CA ALA A 346 0.79 17.52 -4.84
C ALA A 346 -0.64 17.70 -4.34
N PRO A 347 -0.91 18.72 -3.51
CA PRO A 347 -2.25 18.86 -2.93
C PRO A 347 -3.29 19.22 -3.97
N GLY A 348 -4.50 18.69 -3.80
CA GLY A 348 -5.58 18.94 -4.71
C GLY A 348 -5.61 18.05 -5.94
N PHE A 349 -4.66 17.15 -6.09
CA PHE A 349 -4.55 16.31 -7.27
C PHE A 349 -5.12 14.92 -7.01
N SER A 350 -5.84 14.40 -8.00
CA SER A 350 -6.39 13.05 -7.93
C SER A 350 -6.52 12.53 -9.35
N LYS A 351 -6.16 11.26 -9.55
CA LYS A 351 -6.28 10.65 -10.87
C LYS A 351 -7.73 10.40 -11.26
N ASP A 352 -8.67 10.47 -10.32
CA ASP A 352 -10.07 10.15 -10.58
C ASP A 352 -10.95 11.38 -10.67
N ASN A 353 -10.39 12.58 -10.71
CA ASN A 353 -11.15 13.79 -11.02
C ASN A 353 -10.31 14.64 -11.95
N GLU A 354 -10.76 15.88 -12.18
CA GLU A 354 -10.12 16.77 -13.14
C GLU A 354 -8.89 17.48 -12.59
N SER A 355 -8.65 17.40 -11.28
CA SER A 355 -7.49 18.02 -10.65
C SER A 355 -7.43 19.52 -10.94
N LEU A 356 -8.59 20.17 -10.93
CA LEU A 356 -8.69 21.62 -11.13
C LEU A 356 -8.32 22.29 -9.82
N ILE A 357 -7.02 22.50 -9.61
CA ILE A 357 -6.53 22.97 -8.33
C ILE A 357 -6.73 24.48 -8.20
N SER A 358 -6.72 24.95 -6.96
CA SER A 358 -6.77 26.37 -6.66
C SER A 358 -5.36 26.95 -6.65
N ARG A 359 -5.27 28.28 -6.61
CA ARG A 359 -3.97 28.93 -6.58
C ARG A 359 -3.24 28.61 -5.27
N ALA A 360 -3.97 28.55 -4.16
CA ALA A 360 -3.35 28.15 -2.90
C ALA A 360 -2.73 26.76 -3.00
N GLU A 361 -3.42 25.84 -3.68
CA GLU A 361 -2.87 24.51 -3.89
C GLU A 361 -1.68 24.54 -4.85
N PHE A 362 -1.72 25.43 -5.84
CA PHE A 362 -0.60 25.57 -6.76
C PHE A 362 0.64 26.07 -6.05
N LEU A 363 0.49 27.10 -5.21
CA LEU A 363 1.63 27.65 -4.49
C LEU A 363 2.23 26.62 -3.52
N ALA A 364 1.38 25.82 -2.89
CA ALA A 364 1.88 24.75 -2.03
C ALA A 364 2.53 23.64 -2.85
N GLY A 365 1.95 23.32 -4.01
CA GLY A 365 2.51 22.27 -4.85
C GLY A 365 3.89 22.61 -5.39
N VAL A 366 4.18 23.90 -5.56
CA VAL A 366 5.52 24.31 -6.00
C VAL A 366 6.56 23.91 -4.96
N ARG A 367 6.19 23.96 -3.67
CA ARG A 367 7.13 23.55 -2.64
C ARG A 367 7.34 22.04 -2.62
N VAL A 368 6.35 21.28 -3.08
CA VAL A 368 6.51 19.84 -3.17
C VAL A 368 7.24 19.44 -4.45
N GLY A 369 6.91 20.09 -5.57
CA GLY A 369 7.59 19.80 -6.82
C GLY A 369 9.00 20.31 -6.90
N VAL A 370 9.33 21.36 -6.14
CA VAL A 370 10.70 21.86 -6.06
C VAL A 370 11.13 21.86 -4.60
N PRO A 371 11.47 20.71 -4.04
CA PRO A 371 11.83 20.66 -2.62
C PRO A 371 13.22 21.20 -2.34
N GLN A 372 13.41 21.66 -1.10
CA GLN A 372 14.70 22.14 -0.60
C GLN A 372 15.23 23.31 -1.43
N VAL A 373 14.42 24.38 -1.48
CA VAL A 373 14.84 25.63 -2.08
C VAL A 373 14.35 26.77 -1.18
N SER A 374 15.02 27.91 -1.30
CA SER A 374 14.66 29.08 -0.52
C SER A 374 13.28 29.60 -0.92
N ASP A 375 12.68 30.37 -0.01
CA ASP A 375 11.40 31.00 -0.30
C ASP A 375 11.49 31.93 -1.49
N LEU A 376 12.64 32.60 -1.66
CA LEU A 376 12.83 33.45 -2.83
C LEU A 376 12.89 32.63 -4.11
N ALA A 377 13.52 31.45 -4.05
CA ALA A 377 13.56 30.58 -5.22
C ALA A 377 12.18 30.13 -5.62
N ALA A 378 11.33 29.81 -4.63
CA ALA A 378 9.95 29.43 -4.93
C ALA A 378 9.20 30.59 -5.59
N GLU A 379 9.44 31.81 -5.13
CA GLU A 379 8.80 32.97 -5.74
C GLU A 379 9.21 33.11 -7.21
N ALA A 380 10.47 32.83 -7.52
CA ALA A 380 10.93 32.90 -8.90
C ALA A 380 10.26 31.83 -9.76
N VAL A 381 10.07 30.62 -9.20
CA VAL A 381 9.38 29.57 -9.93
C VAL A 381 7.93 29.98 -10.19
N VAL A 382 7.27 30.54 -9.18
CA VAL A 382 5.88 30.98 -9.33
C VAL A 382 5.77 32.08 -10.38
N LEU A 383 6.75 32.99 -10.41
CA LEU A 383 6.73 34.06 -11.39
C LEU A 383 6.79 33.52 -12.82
N HIS A 384 7.70 32.57 -13.06
CA HIS A 384 7.91 32.09 -14.42
C HIS A 384 6.76 31.23 -14.91
N TYR A 385 6.05 30.53 -14.01
CA TYR A 385 5.06 29.55 -14.40
C TYR A 385 3.63 30.00 -14.13
N THR A 386 3.42 31.28 -13.83
CA THR A 386 2.08 31.85 -13.68
C THR A 386 1.75 32.66 -14.92
N ASP A 387 0.56 32.42 -15.47
CA ASP A 387 -0.01 33.29 -16.49
C ASP A 387 -0.72 34.42 -15.76
N TRP A 388 -0.13 35.62 -15.81
CA TRP A 388 -0.65 36.72 -15.01
C TRP A 388 -1.88 37.38 -15.62
N LEU A 389 -2.29 36.97 -16.83
CA LEU A 389 -3.60 37.33 -17.33
C LEU A 389 -4.69 36.48 -16.70
N HIS A 390 -4.35 35.23 -16.34
CA HIS A 390 -5.28 34.31 -15.68
C HIS A 390 -4.56 33.63 -14.53
N PRO A 391 -4.19 34.38 -13.49
CA PRO A 391 -3.36 33.81 -12.42
C PRO A 391 -4.06 32.80 -11.55
N GLU A 392 -5.38 32.64 -11.69
CA GLU A 392 -6.13 31.74 -10.82
C GLU A 392 -6.96 30.72 -11.59
N ASP A 393 -6.79 30.61 -12.90
CA ASP A 393 -7.52 29.63 -13.68
C ASP A 393 -7.09 28.23 -13.28
N PRO A 394 -7.98 27.38 -12.78
CA PRO A 394 -7.54 26.06 -12.29
C PRO A 394 -6.87 25.19 -13.34
N ALA A 395 -7.42 25.16 -14.57
CA ALA A 395 -6.84 24.31 -15.61
C ALA A 395 -5.43 24.77 -15.97
N ARG A 396 -5.22 26.08 -16.07
CA ARG A 396 -3.89 26.59 -16.38
C ARG A 396 -2.92 26.34 -15.23
N LEU A 397 -3.42 26.41 -13.99
CA LEU A 397 -2.56 26.13 -12.84
C LEU A 397 -2.16 24.66 -12.80
N ARG A 398 -3.07 23.76 -13.20
CA ARG A 398 -2.77 22.34 -13.21
C ARG A 398 -1.66 22.03 -14.22
N GLU A 399 -1.76 22.58 -15.42
CA GLU A 399 -0.73 22.36 -16.43
C GLU A 399 0.56 23.09 -16.08
N ALA A 400 0.47 24.18 -15.33
CA ALA A 400 1.67 24.91 -14.93
C ALA A 400 2.51 24.10 -13.95
N LEU A 401 1.88 23.52 -12.93
CA LEU A 401 2.61 22.73 -11.96
C LEU A 401 3.19 21.47 -12.61
N SER A 402 2.47 20.89 -13.57
CA SER A 402 3.02 19.77 -14.32
C SER A 402 4.26 20.19 -15.09
N ASP A 403 4.24 21.39 -15.68
CA ASP A 403 5.42 21.90 -16.36
C ASP A 403 6.56 22.16 -15.37
N VAL A 404 6.22 22.63 -14.17
CA VAL A 404 7.24 22.88 -13.15
C VAL A 404 7.99 21.59 -12.83
N VAL A 405 7.24 20.52 -12.56
CA VAL A 405 7.87 19.25 -12.21
C VAL A 405 8.59 18.65 -13.41
N GLY A 406 7.98 18.73 -14.60
CA GLY A 406 8.59 18.14 -15.77
C GLY A 406 9.85 18.85 -16.22
N ASP A 407 9.81 20.18 -16.26
CA ASP A 407 10.99 20.94 -16.67
C ASP A 407 12.11 20.79 -15.66
N HIS A 408 11.79 20.89 -14.37
CA HIS A 408 12.82 20.84 -13.34
C HIS A 408 13.52 19.48 -13.30
N ASN A 409 12.76 18.41 -13.52
CA ASN A 409 13.28 17.06 -13.32
C ASN A 409 13.74 16.37 -14.61
N VAL A 410 13.15 16.69 -15.75
CA VAL A 410 13.42 15.92 -16.95
C VAL A 410 13.86 16.82 -18.11
N VAL A 411 12.97 17.69 -18.58
CA VAL A 411 13.18 18.37 -19.85
C VAL A 411 14.43 19.24 -19.82
N CYS A 412 14.60 20.02 -18.76
CA CYS A 412 15.73 20.93 -18.69
C CYS A 412 17.04 20.22 -18.38
N PRO A 413 17.07 19.22 -17.49
CA PRO A 413 18.30 18.41 -17.37
C PRO A 413 18.66 17.70 -18.66
N VAL A 414 17.67 17.29 -19.46
CA VAL A 414 17.96 16.62 -20.73
C VAL A 414 18.48 17.64 -21.75
N ALA A 415 17.85 18.82 -21.82
CA ALA A 415 18.29 19.83 -22.77
C ALA A 415 19.69 20.33 -22.44
N GLN A 416 19.99 20.49 -21.15
CA GLN A 416 21.34 20.88 -20.75
C GLN A 416 22.37 19.85 -21.21
N LEU A 417 22.06 18.56 -21.05
CA LEU A 417 22.98 17.52 -21.48
C LEU A 417 23.10 17.47 -23.00
N ALA A 418 21.97 17.59 -23.71
CA ALA A 418 21.98 17.47 -25.16
C ALA A 418 22.83 18.56 -25.81
N GLY A 419 22.67 19.80 -25.35
CA GLY A 419 23.43 20.90 -25.94
C GLY A 419 24.92 20.79 -25.69
N ARG A 420 25.30 20.41 -24.46
CA ARG A 420 26.72 20.30 -24.14
C ARG A 420 27.34 19.07 -24.80
N LEU A 421 26.55 18.05 -25.10
CA LEU A 421 27.07 16.91 -25.86
C LEU A 421 27.37 17.31 -27.29
N ALA A 422 26.43 17.97 -27.96
CA ALA A 422 26.61 18.34 -29.36
C ALA A 422 27.72 19.38 -29.51
N ALA A 423 27.83 20.31 -28.56
CA ALA A 423 28.85 21.34 -28.62
C ALA A 423 30.24 20.82 -28.30
N GLN A 424 30.37 19.55 -27.90
CA GLN A 424 31.66 19.00 -27.49
C GLN A 424 31.98 17.72 -28.24
N GLY A 425 31.46 17.55 -29.45
CA GLY A 425 31.88 16.50 -30.35
C GLY A 425 30.84 15.44 -30.65
N ALA A 426 29.81 15.31 -29.81
CA ALA A 426 28.85 14.23 -29.99
C ALA A 426 27.80 14.59 -31.04
N ARG A 427 27.45 13.61 -31.86
CA ARG A 427 26.32 13.75 -32.77
C ARG A 427 25.03 13.44 -32.00
N VAL A 428 24.11 14.39 -31.98
CA VAL A 428 22.93 14.31 -31.11
C VAL A 428 21.67 14.47 -31.96
N TYR A 429 20.68 13.62 -31.67
CA TYR A 429 19.34 13.75 -32.23
C TYR A 429 18.34 13.86 -31.09
N ALA A 430 17.37 14.75 -31.23
CA ALA A 430 16.42 15.04 -30.16
C ALA A 430 14.99 14.87 -30.67
N TYR A 431 14.11 14.45 -29.76
CA TYR A 431 12.71 14.23 -30.10
C TYR A 431 11.82 14.68 -28.94
N VAL A 432 10.54 14.85 -29.24
CA VAL A 432 9.50 15.04 -28.23
C VAL A 432 8.33 14.16 -28.62
N PHE A 433 8.03 13.17 -27.77
CA PHE A 433 6.97 12.21 -28.05
C PHE A 433 5.62 12.82 -27.69
N GLU A 434 4.73 12.93 -28.68
CA GLU A 434 3.49 13.69 -28.52
C GLU A 434 2.23 12.89 -28.79
N HIS A 435 2.31 11.57 -28.87
CA HIS A 435 1.13 10.73 -29.09
C HIS A 435 0.71 10.08 -27.79
N ARG A 436 -0.56 10.26 -27.43
CA ARG A 436 -1.15 9.60 -26.27
C ARG A 436 -1.80 8.30 -26.74
N ALA A 437 -1.41 7.19 -26.12
CA ALA A 437 -1.92 5.89 -26.52
C ALA A 437 -3.44 5.84 -26.38
N SER A 438 -4.10 5.20 -27.36
CA SER A 438 -5.54 5.08 -27.34
C SER A 438 -6.03 4.23 -26.17
N THR A 439 -5.18 3.37 -25.62
CA THR A 439 -5.56 2.48 -24.53
C THR A 439 -5.10 3.00 -23.16
N LEU A 440 -4.70 4.26 -23.07
CA LEU A 440 -4.12 4.78 -21.84
C LEU A 440 -5.17 4.85 -20.74
N SER A 441 -4.84 4.30 -19.57
CA SER A 441 -5.76 4.24 -18.45
C SER A 441 -5.68 5.44 -17.54
N TRP A 442 -4.60 6.22 -17.59
CA TRP A 442 -4.50 7.43 -16.82
C TRP A 442 -5.50 8.46 -17.33
N PRO A 443 -5.88 9.44 -16.50
CA PRO A 443 -6.88 10.42 -16.92
C PRO A 443 -6.39 11.27 -18.09
N LEU A 444 -7.36 11.93 -18.75
CA LEU A 444 -7.05 12.70 -19.95
C LEU A 444 -6.16 13.89 -19.65
N TRP A 445 -6.38 14.57 -18.52
CA TRP A 445 -5.62 15.77 -18.22
C TRP A 445 -4.13 15.51 -18.04
N MET A 446 -3.71 14.25 -17.91
CA MET A 446 -2.30 13.93 -17.80
C MET A 446 -1.59 13.95 -19.15
N GLY A 447 -2.35 13.89 -20.25
CA GLY A 447 -1.77 13.95 -21.58
C GLY A 447 -0.92 12.74 -21.93
N VAL A 448 0.35 12.99 -22.23
CA VAL A 448 1.31 11.93 -22.52
C VAL A 448 2.26 11.82 -21.33
N PRO A 449 1.95 10.99 -20.34
CA PRO A 449 2.72 11.01 -19.09
C PRO A 449 4.09 10.36 -19.23
N HIS A 450 4.86 10.50 -18.17
CA HIS A 450 6.20 9.91 -18.08
C HIS A 450 6.15 8.40 -18.26
N GLY A 451 6.86 7.90 -19.27
CA GLY A 451 7.03 6.48 -19.45
C GLY A 451 6.15 5.84 -20.50
N TYR A 452 5.26 6.59 -21.14
CA TYR A 452 4.28 6.00 -22.06
C TYR A 452 4.64 6.23 -23.52
N GLU A 453 5.94 6.34 -23.81
CA GLU A 453 6.49 6.11 -25.14
C GLU A 453 7.16 4.75 -25.25
N ILE A 454 7.39 4.09 -24.12
CA ILE A 454 8.12 2.82 -24.11
C ILE A 454 7.36 1.75 -24.89
N GLU A 455 6.05 1.66 -24.69
CA GLU A 455 5.27 0.61 -25.33
C GLU A 455 5.30 0.74 -26.85
N PHE A 456 5.53 1.95 -27.37
CA PHE A 456 5.61 2.13 -28.81
C PHE A 456 7.02 1.84 -29.33
N ILE A 457 8.05 2.10 -28.52
CA ILE A 457 9.41 1.77 -28.91
C ILE A 457 9.58 0.26 -29.03
N PHE A 458 8.95 -0.50 -28.14
CA PHE A 458 9.05 -1.95 -28.12
C PHE A 458 8.03 -2.64 -29.01
N GLY A 459 7.25 -1.88 -29.78
CA GLY A 459 6.30 -2.47 -30.69
C GLY A 459 5.14 -3.21 -30.05
N ILE A 460 4.81 -2.86 -28.80
CA ILE A 460 3.69 -3.52 -28.12
C ILE A 460 2.39 -3.45 -28.90
N PRO A 461 2.06 -2.37 -29.61
CA PRO A 461 0.82 -2.37 -30.42
C PRO A 461 0.73 -3.52 -31.42
N LEU A 462 1.84 -4.17 -31.76
CA LEU A 462 1.76 -5.31 -32.68
C LEU A 462 1.16 -6.55 -32.04
N ASP A 463 1.11 -6.59 -30.72
CA ASP A 463 0.50 -7.71 -30.00
C ASP A 463 -0.96 -7.84 -30.41
N PRO A 464 -1.37 -8.95 -31.03
CA PRO A 464 -2.78 -9.09 -31.44
C PRO A 464 -3.75 -9.13 -30.29
N SER A 465 -3.29 -9.46 -29.07
CA SER A 465 -4.17 -9.51 -27.91
C SER A 465 -4.48 -8.13 -27.34
N ARG A 466 -3.86 -7.08 -27.84
CA ARG A 466 -4.13 -5.72 -27.40
C ARG A 466 -5.06 -5.00 -28.37
N ASN A 467 -5.62 -3.89 -27.91
CA ASN A 467 -6.64 -3.17 -28.66
C ASN A 467 -6.11 -1.85 -29.21
N TYR A 468 -4.92 -1.86 -29.79
CA TYR A 468 -4.39 -0.67 -30.43
C TYR A 468 -5.03 -0.46 -31.80
N THR A 469 -5.01 0.78 -32.27
CA THR A 469 -5.57 1.10 -33.57
C THR A 469 -4.60 0.73 -34.68
N ALA A 470 -5.12 0.70 -35.91
CA ALA A 470 -4.27 0.38 -37.07
C ALA A 470 -3.20 1.45 -37.27
N GLU A 471 -3.54 2.71 -37.04
CA GLU A 471 -2.57 3.79 -37.18
C GLU A 471 -1.47 3.69 -36.13
N GLU A 472 -1.81 3.24 -34.92
CA GLU A 472 -0.80 3.07 -33.88
C GLU A 472 0.16 1.92 -34.21
N LYS A 473 -0.32 0.92 -34.94
CA LYS A 473 0.57 -0.17 -35.37
C LYS A 473 1.60 0.35 -36.36
N ILE A 474 1.17 1.12 -37.36
CA ILE A 474 2.10 1.71 -38.31
C ILE A 474 3.05 2.67 -37.60
N PHE A 475 2.52 3.45 -36.65
CA PHE A 475 3.35 4.39 -35.90
C PHE A 475 4.41 3.68 -35.10
N ALA A 476 4.08 2.52 -34.52
CA ALA A 476 5.06 1.77 -33.75
C ALA A 476 6.19 1.25 -34.64
N GLN A 477 5.87 0.82 -35.86
CA GLN A 477 6.90 0.34 -36.78
C GLN A 477 7.83 1.48 -37.19
N ARG A 478 7.29 2.69 -37.36
CA ARG A 478 8.12 3.84 -37.67
C ARG A 478 9.15 4.09 -36.58
N LEU A 479 8.71 4.04 -35.32
CA LEU A 479 9.62 4.29 -34.20
C LEU A 479 10.67 3.20 -34.07
N MET A 480 10.28 1.95 -34.32
CA MET A 480 11.24 0.85 -34.24
C MET A 480 12.31 0.99 -35.31
N ARG A 481 11.93 1.46 -36.51
CA ARG A 481 12.93 1.72 -37.54
C ARG A 481 13.84 2.87 -37.13
N TYR A 482 13.28 3.93 -36.53
CA TYR A 482 14.09 5.03 -36.03
C TYR A 482 15.13 4.53 -35.04
N TRP A 483 14.69 3.78 -34.02
CA TRP A 483 15.59 3.33 -32.98
C TRP A 483 16.62 2.33 -33.52
N ALA A 484 16.20 1.48 -34.45
CA ALA A 484 17.13 0.48 -34.99
C ALA A 484 18.13 1.11 -35.95
N ASN A 485 17.68 2.03 -36.79
CA ASN A 485 18.60 2.75 -37.68
C ASN A 485 19.69 3.44 -36.87
N PHE A 486 19.32 4.07 -35.75
CA PHE A 486 20.33 4.70 -34.90
C PHE A 486 21.26 3.66 -34.30
N ALA A 487 20.75 2.48 -33.95
CA ALA A 487 21.61 1.44 -33.42
C ALA A 487 22.57 0.91 -34.48
N ARG A 488 22.11 0.80 -35.72
CA ARG A 488 22.96 0.28 -36.79
C ARG A 488 23.96 1.33 -37.27
N THR A 489 23.48 2.52 -37.63
CA THR A 489 24.30 3.51 -38.30
C THR A 489 24.60 4.75 -37.48
N GLY A 490 23.98 4.92 -36.32
CA GLY A 490 24.12 6.15 -35.57
C GLY A 490 23.29 7.29 -36.11
N ASP A 491 22.37 7.02 -37.01
CA ASP A 491 21.53 8.03 -37.67
C ASP A 491 20.12 7.48 -37.81
N PRO A 492 19.14 8.07 -37.13
CA PRO A 492 17.77 7.53 -37.21
C PRO A 492 17.15 7.65 -38.59
N ASN A 493 17.69 8.49 -39.46
CA ASN A 493 17.13 8.65 -40.80
C ASN A 493 17.43 7.43 -41.65
N GLU A 494 16.55 7.19 -42.63
CA GLU A 494 16.73 6.05 -43.52
C GLU A 494 18.02 6.20 -44.30
N PRO A 495 18.86 5.16 -44.38
CA PRO A 495 20.16 5.30 -45.05
C PRO A 495 20.07 5.73 -46.50
N ARG A 496 18.95 5.48 -47.18
CA ARG A 496 18.80 5.89 -48.57
C ARG A 496 17.50 6.62 -48.85
N ASP A 497 16.38 6.16 -48.27
CA ASP A 497 15.04 6.66 -48.55
C ASP A 497 14.95 8.17 -48.35
N PRO A 498 14.73 8.94 -49.42
CA PRO A 498 14.60 10.39 -49.27
C PRO A 498 13.15 10.84 -49.20
N LYS A 499 12.22 9.91 -49.43
CA LYS A 499 10.80 10.26 -49.42
C LYS A 499 10.35 10.68 -48.03
N ALA A 500 10.84 10.00 -47.00
CA ALA A 500 10.47 10.35 -45.64
C ALA A 500 11.13 11.66 -45.23
N PRO A 501 10.46 12.48 -44.41
CA PRO A 501 11.07 13.73 -43.96
C PRO A 501 12.32 13.47 -43.12
N GLN A 502 13.22 14.45 -43.11
CA GLN A 502 14.52 14.31 -42.49
C GLN A 502 14.49 14.69 -41.01
N TRP A 503 15.30 14.00 -40.22
CA TRP A 503 15.48 14.27 -38.80
C TRP A 503 16.83 14.97 -38.63
N PRO A 504 16.85 16.29 -38.48
CA PRO A 504 18.13 17.01 -38.39
C PRO A 504 18.77 16.79 -37.03
N PRO A 505 20.11 16.74 -36.98
CA PRO A 505 20.79 16.64 -35.68
C PRO A 505 20.48 17.85 -34.80
N TYR A 506 20.54 17.62 -33.50
CA TYR A 506 20.34 18.67 -32.51
C TYR A 506 21.68 19.34 -32.24
N THR A 507 21.76 20.64 -32.52
CA THR A 507 22.97 21.41 -32.30
C THR A 507 22.75 22.40 -31.15
N ALA A 508 23.86 22.82 -30.54
CA ALA A 508 23.78 23.78 -29.44
C ALA A 508 23.21 25.12 -29.88
N GLY A 509 23.32 25.46 -31.16
CA GLY A 509 22.80 26.72 -31.66
C GLY A 509 21.39 26.62 -32.21
N ALA A 510 21.18 25.72 -33.17
CA ALA A 510 19.87 25.60 -33.79
C ALA A 510 18.86 24.92 -32.87
N GLN A 511 19.31 23.95 -32.07
CA GLN A 511 18.46 23.25 -31.10
C GLN A 511 17.23 22.62 -31.77
N GLN A 512 17.49 21.91 -32.87
CA GLN A 512 16.41 21.30 -33.64
C GLN A 512 16.05 19.93 -33.09
N TYR A 513 14.75 19.68 -32.97
CA TYR A 513 14.22 18.39 -32.57
C TYR A 513 12.99 18.10 -33.42
N VAL A 514 12.53 16.86 -33.39
CA VAL A 514 11.36 16.47 -34.15
C VAL A 514 10.27 15.99 -33.19
N SER A 515 9.03 16.13 -33.63
CA SER A 515 7.88 15.64 -32.88
C SER A 515 7.52 14.25 -33.39
N LEU A 516 7.39 13.30 -32.47
CA LEU A 516 7.04 11.92 -32.79
C LEU A 516 5.58 11.70 -32.47
N ASP A 517 4.77 11.53 -33.51
CA ASP A 517 3.34 11.23 -33.35
C ASP A 517 2.84 10.60 -34.65
N LEU A 518 1.51 10.55 -34.80
CA LEU A 518 0.93 9.90 -35.97
C LEU A 518 1.22 10.67 -37.26
N ARG A 519 1.39 11.99 -37.17
CA ARG A 519 1.73 12.79 -38.32
C ARG A 519 3.20 12.58 -38.70
N PRO A 520 3.57 12.89 -39.94
CA PRO A 520 4.98 12.81 -40.32
C PRO A 520 5.85 13.72 -39.47
N LEU A 521 7.16 13.53 -39.58
CA LEU A 521 8.11 14.27 -38.76
C LEU A 521 7.98 15.76 -38.99
N GLU A 522 7.99 16.52 -37.89
CA GLU A 522 7.94 17.97 -37.92
C GLU A 522 9.12 18.51 -37.12
N VAL A 523 9.91 19.38 -37.75
CA VAL A 523 11.11 19.92 -37.14
C VAL A 523 10.74 21.17 -36.34
N ARG A 524 11.25 21.26 -35.11
CA ARG A 524 11.03 22.41 -34.24
C ARG A 524 12.36 22.83 -33.64
N ARG A 525 12.38 24.03 -33.06
CA ARG A 525 13.60 24.60 -32.49
C ARG A 525 13.35 24.95 -31.03
N GLY A 526 14.24 24.49 -30.16
CA GLY A 526 14.19 24.85 -28.75
C GLY A 526 13.42 23.88 -27.87
N LEU A 527 14.14 23.18 -26.99
CA LEU A 527 13.52 22.28 -26.02
C LEU A 527 13.12 23.08 -24.80
N ARG A 528 12.01 23.82 -24.93
CA ARG A 528 11.52 24.71 -23.89
C ARG A 528 12.63 25.68 -23.47
N ALA A 529 13.12 26.44 -24.45
CA ALA A 529 14.34 27.23 -24.26
C ALA A 529 14.17 28.28 -23.18
N GLN A 530 13.03 28.98 -23.17
CA GLN A 530 12.82 30.03 -22.18
C GLN A 530 12.76 29.46 -20.77
N ALA A 531 11.98 28.39 -20.58
CA ALA A 531 11.83 27.81 -19.24
C ALA A 531 13.14 27.21 -18.75
N CYS A 532 13.89 26.56 -19.64
CA CYS A 532 15.12 25.89 -19.22
C CYS A 532 16.26 26.85 -18.96
N ALA A 533 16.21 28.06 -19.50
CA ALA A 533 17.18 29.07 -19.10
C ALA A 533 16.98 29.49 -17.66
N PHE A 534 15.73 29.45 -17.18
CA PHE A 534 15.47 29.74 -15.78
C PHE A 534 16.09 28.69 -14.87
N TRP A 535 15.91 27.40 -15.21
CA TRP A 535 16.42 26.33 -14.37
C TRP A 535 17.93 26.18 -14.50
N ASN A 536 18.45 26.23 -15.73
CA ASN A 536 19.84 25.93 -15.98
C ASN A 536 20.77 27.12 -15.80
N ARG A 537 20.28 28.35 -15.93
CA ARG A 537 21.13 29.53 -15.87
C ARG A 537 20.86 30.41 -14.66
N PHE A 538 19.61 30.83 -14.45
CA PHE A 538 19.34 31.85 -13.44
C PHE A 538 19.25 31.25 -12.04
N LEU A 539 18.44 30.19 -11.87
CA LEU A 539 18.20 29.66 -10.54
C LEU A 539 19.47 29.24 -9.79
N PRO A 540 20.50 28.65 -10.43
CA PRO A 540 21.75 28.41 -9.68
C PRO A 540 22.37 29.69 -9.13
N LYS A 541 22.41 30.75 -9.93
CA LYS A 541 22.95 32.02 -9.45
C LYS A 541 22.11 32.58 -8.30
N LEU A 542 20.81 32.31 -8.30
CA LEU A 542 19.96 32.77 -7.21
C LEU A 542 20.26 32.02 -5.92
N LEU A 543 20.63 30.74 -6.01
CA LEU A 543 20.86 29.94 -4.82
C LEU A 543 22.23 30.23 -4.19
N SER A 544 23.19 30.69 -4.98
CA SER A 544 24.49 31.06 -4.41
C SER A 544 24.37 32.24 -3.46
N ALA A 545 23.54 33.23 -3.82
CA ALA A 545 23.24 34.37 -2.95
C ALA A 545 21.95 34.05 -2.22
N THR A 546 22.08 33.33 -1.11
CA THR A 546 20.91 32.91 -0.32
C THR A 546 20.18 34.10 0.28
N GLU B 7 -23.75 -41.27 3.44
CA GLU B 7 -24.18 -39.88 3.35
C GLU B 7 -24.65 -39.36 4.71
N ASP B 8 -24.01 -38.29 5.17
CA ASP B 8 -24.34 -37.68 6.45
C ASP B 8 -25.47 -36.68 6.24
N ALA B 9 -26.66 -37.00 6.75
CA ALA B 9 -27.82 -36.14 6.59
C ALA B 9 -27.81 -34.94 7.53
N GLU B 10 -26.79 -34.80 8.39
CA GLU B 10 -26.70 -33.64 9.27
C GLU B 10 -26.13 -32.42 8.56
N LEU B 11 -25.58 -32.57 7.37
CA LEU B 11 -25.05 -31.46 6.60
C LEU B 11 -26.08 -30.84 5.66
N LEU B 12 -27.32 -31.31 5.70
CA LEU B 12 -28.41 -30.74 4.91
C LEU B 12 -29.44 -30.14 5.85
N VAL B 13 -29.73 -28.86 5.67
CA VAL B 13 -30.64 -28.12 6.53
C VAL B 13 -31.51 -27.22 5.66
N THR B 14 -32.78 -27.11 6.03
CA THR B 14 -33.73 -26.23 5.35
C THR B 14 -34.00 -25.01 6.23
N VAL B 15 -33.87 -23.82 5.63
CA VAL B 15 -34.23 -22.58 6.31
C VAL B 15 -35.39 -21.95 5.56
N ARG B 16 -35.83 -20.77 6.00
CA ARG B 16 -37.01 -20.14 5.43
C ARG B 16 -36.82 -19.75 3.97
N GLY B 17 -35.59 -19.67 3.49
CA GLY B 17 -35.33 -19.29 2.12
C GLY B 17 -35.10 -20.45 1.18
N GLY B 18 -34.70 -21.60 1.73
CA GLY B 18 -34.44 -22.76 0.91
C GLY B 18 -33.56 -23.75 1.66
N ARG B 19 -32.93 -24.62 0.89
CA ARG B 19 -32.11 -25.70 1.44
C ARG B 19 -30.63 -25.34 1.35
N LEU B 20 -29.84 -25.89 2.28
CA LEU B 20 -28.42 -25.62 2.37
C LEU B 20 -27.64 -26.92 2.49
N ARG B 21 -26.40 -26.90 2.03
CA ARG B 21 -25.46 -27.99 2.23
C ARG B 21 -24.25 -27.45 3.00
N GLY B 22 -24.03 -27.99 4.18
CA GLY B 22 -22.90 -27.59 5.01
C GLY B 22 -21.68 -28.45 4.77
N ILE B 23 -20.69 -28.28 5.64
CA ILE B 23 -19.44 -29.01 5.56
C ILE B 23 -19.03 -29.41 6.99
N ARG B 24 -18.36 -30.55 7.09
CA ARG B 24 -17.85 -31.03 8.37
C ARG B 24 -16.42 -30.54 8.57
N LEU B 25 -16.18 -29.90 9.71
CA LEU B 25 -14.85 -29.42 10.07
C LEU B 25 -14.32 -30.25 11.23
N LYS B 26 -13.02 -30.54 11.20
CA LYS B 26 -12.39 -31.40 12.18
C LYS B 26 -11.65 -30.58 13.22
N THR B 27 -11.77 -30.98 14.47
CA THR B 27 -11.01 -30.46 15.59
C THR B 27 -10.36 -31.64 16.31
N PRO B 28 -9.30 -31.40 17.09
CA PRO B 28 -8.68 -32.50 17.84
C PRO B 28 -9.63 -33.23 18.78
N GLY B 29 -10.76 -32.61 19.13
CA GLY B 29 -11.73 -33.22 20.02
C GLY B 29 -12.98 -33.76 19.37
N GLY B 30 -13.11 -33.64 18.05
CA GLY B 30 -14.28 -34.13 17.35
C GLY B 30 -14.72 -33.20 16.24
N PRO B 31 -15.69 -33.66 15.44
CA PRO B 31 -16.14 -32.87 14.29
C PRO B 31 -17.17 -31.82 14.68
N VAL B 32 -17.38 -30.89 13.76
CA VAL B 32 -18.34 -29.81 13.91
C VAL B 32 -18.98 -29.55 12.55
N SER B 33 -20.29 -29.34 12.53
CA SER B 33 -21.01 -29.01 11.31
C SER B 33 -21.00 -27.50 11.10
N ALA B 34 -20.68 -27.07 9.88
CA ALA B 34 -20.58 -25.65 9.56
C ALA B 34 -21.34 -25.36 8.27
N PHE B 35 -22.00 -24.21 8.24
CA PHE B 35 -22.76 -23.74 7.08
C PHE B 35 -22.27 -22.34 6.76
N LEU B 36 -21.27 -22.25 5.88
CA LEU B 36 -20.57 -21.01 5.59
C LEU B 36 -21.07 -20.41 4.29
N GLY B 37 -21.45 -19.14 4.34
CA GLY B 37 -21.90 -18.42 3.17
C GLY B 37 -23.38 -18.40 2.91
N ILE B 38 -24.21 -18.43 3.96
CA ILE B 38 -25.66 -18.37 3.81
C ILE B 38 -26.04 -16.95 3.44
N PRO B 39 -26.68 -16.74 2.29
CA PRO B 39 -27.14 -15.38 1.94
C PRO B 39 -28.32 -14.97 2.82
N PHE B 40 -28.20 -13.81 3.46
CA PHE B 40 -29.27 -13.25 4.26
C PHE B 40 -29.82 -11.95 3.70
N ALA B 41 -29.31 -11.47 2.58
CA ALA B 41 -29.79 -10.23 1.98
C ALA B 41 -29.60 -10.28 0.48
N GLU B 42 -30.41 -9.52 -0.23
CA GLU B 42 -30.18 -9.31 -1.64
C GLU B 42 -28.85 -8.57 -1.83
N PRO B 43 -28.05 -8.95 -2.81
CA PRO B 43 -26.76 -8.27 -3.02
C PRO B 43 -26.94 -6.78 -3.21
N PRO B 44 -26.39 -5.96 -2.33
CA PRO B 44 -26.59 -4.50 -2.37
C PRO B 44 -25.69 -3.83 -3.42
N MET B 45 -25.99 -4.09 -4.68
CA MET B 45 -25.21 -3.57 -5.80
C MET B 45 -26.07 -2.70 -6.69
N GLY B 46 -25.40 -1.97 -7.59
CA GLY B 46 -26.07 -1.10 -8.52
C GLY B 46 -26.86 -0.01 -7.83
N PRO B 47 -28.16 0.08 -8.10
CA PRO B 47 -29.01 1.06 -7.42
C PRO B 47 -29.17 0.79 -5.93
N ARG B 48 -28.72 -0.35 -5.44
CA ARG B 48 -28.81 -0.69 -4.03
C ARG B 48 -27.62 -0.22 -3.21
N ARG B 49 -26.58 0.30 -3.85
CA ARG B 49 -25.42 0.81 -3.12
C ARG B 49 -25.85 1.96 -2.21
N PHE B 50 -25.38 1.92 -0.97
CA PHE B 50 -25.68 2.87 0.11
C PHE B 50 -27.08 2.74 0.67
N LEU B 51 -27.86 1.76 0.23
CA LEU B 51 -29.23 1.61 0.68
C LEU B 51 -29.32 0.55 1.78
N PRO B 52 -30.35 0.62 2.63
CA PRO B 52 -30.54 -0.42 3.63
C PRO B 52 -30.72 -1.77 2.96
N PRO B 53 -30.36 -2.85 3.64
CA PRO B 53 -30.47 -4.18 3.03
C PRO B 53 -31.92 -4.63 2.95
N GLU B 54 -32.18 -5.46 1.95
CA GLU B 54 -33.45 -6.16 1.88
C GLU B 54 -33.25 -7.65 2.07
N PRO B 55 -34.22 -8.35 2.65
CA PRO B 55 -34.03 -9.79 2.90
C PRO B 55 -33.85 -10.56 1.61
N LYS B 56 -33.02 -11.60 1.69
CA LYS B 56 -32.76 -12.45 0.52
C LYS B 56 -34.02 -13.20 0.13
N GLN B 57 -34.43 -13.07 -1.13
CA GLN B 57 -35.58 -13.78 -1.63
C GLN B 57 -35.31 -15.29 -1.63
N PRO B 58 -36.36 -16.10 -1.44
CA PRO B 58 -36.15 -17.56 -1.38
C PRO B 58 -35.60 -18.11 -2.69
N TRP B 59 -34.87 -19.22 -2.58
CA TRP B 59 -34.17 -19.80 -3.72
C TRP B 59 -34.59 -21.25 -3.92
N SER B 60 -34.44 -21.71 -5.16
CA SER B 60 -34.70 -23.10 -5.50
C SER B 60 -33.43 -23.93 -5.33
N GLY B 61 -33.62 -25.22 -5.11
CA GLY B 61 -32.49 -26.12 -5.02
C GLY B 61 -31.71 -25.96 -3.73
N VAL B 62 -30.49 -26.49 -3.75
CA VAL B 62 -29.59 -26.51 -2.60
C VAL B 62 -28.48 -25.51 -2.83
N VAL B 63 -28.44 -24.47 -1.99
CA VAL B 63 -27.34 -23.52 -2.01
C VAL B 63 -26.13 -24.16 -1.32
N ASP B 64 -24.98 -24.10 -1.98
CA ASP B 64 -23.75 -24.65 -1.41
C ASP B 64 -23.24 -23.72 -0.32
N ALA B 65 -23.04 -24.27 0.88
CA ALA B 65 -22.56 -23.52 2.02
C ALA B 65 -21.35 -24.21 2.63
N THR B 66 -20.33 -24.46 1.80
CA THR B 66 -19.14 -25.19 2.22
C THR B 66 -17.91 -24.31 2.33
N THR B 67 -17.94 -23.07 1.83
CA THR B 67 -16.83 -22.16 1.96
C THR B 67 -17.36 -20.76 2.26
N PHE B 68 -16.47 -19.92 2.79
CA PHE B 68 -16.83 -18.53 3.04
C PHE B 68 -17.10 -17.80 1.73
N GLN B 69 -17.98 -16.82 1.78
CA GLN B 69 -18.32 -16.05 0.60
C GLN B 69 -17.37 -14.85 0.47
N SER B 70 -17.72 -13.91 -0.41
CA SER B 70 -16.82 -12.81 -0.73
C SER B 70 -16.72 -11.82 0.43
N VAL B 71 -15.58 -11.15 0.50
CA VAL B 71 -15.35 -10.09 1.48
C VAL B 71 -15.90 -8.79 0.94
N CYS B 72 -16.53 -8.00 1.82
CA CYS B 72 -17.03 -6.70 1.42
C CYS B 72 -15.86 -5.79 1.02
N TYR B 73 -16.11 -4.93 0.03
CA TYR B 73 -15.07 -4.06 -0.48
C TYR B 73 -14.50 -3.19 0.64
N GLN B 74 -13.17 -3.17 0.74
CA GLN B 74 -12.52 -2.49 1.85
C GLN B 74 -11.06 -2.21 1.50
N TYR B 75 -10.49 -1.26 2.22
CA TYR B 75 -9.07 -0.97 2.10
C TYR B 75 -8.25 -2.16 2.59
N VAL B 76 -7.12 -2.41 1.95
CA VAL B 76 -6.23 -3.50 2.31
C VAL B 76 -4.93 -2.91 2.85
N ASP B 77 -4.54 -3.34 4.04
CA ASP B 77 -3.32 -2.86 4.66
C ASP B 77 -2.12 -3.41 3.91
N THR B 78 -1.27 -2.51 3.40
CA THR B 78 -0.07 -2.88 2.65
C THR B 78 1.19 -2.27 3.24
N LEU B 79 1.11 -1.78 4.48
CA LEU B 79 2.27 -1.14 5.11
C LEU B 79 3.42 -2.14 5.27
N TYR B 80 3.11 -3.38 5.64
CA TYR B 80 4.11 -4.40 5.92
C TYR B 80 3.77 -5.66 5.12
N PRO B 81 4.16 -5.70 3.84
CA PRO B 81 3.84 -6.87 3.02
C PRO B 81 4.45 -8.15 3.58
N GLY B 82 3.61 -9.18 3.71
CA GLY B 82 4.03 -10.46 4.22
C GLY B 82 4.09 -10.57 5.72
N PHE B 83 3.83 -9.49 6.45
CA PHE B 83 3.92 -9.49 7.90
C PHE B 83 2.64 -10.08 8.50
N GLU B 84 2.78 -11.16 9.27
CA GLU B 84 1.61 -11.84 9.81
C GLU B 84 0.77 -10.95 10.70
N GLY B 85 1.40 -9.97 11.37
CA GLY B 85 0.66 -9.12 12.28
C GLY B 85 -0.40 -8.28 11.59
N THR B 86 -0.18 -7.93 10.32
CA THR B 86 -1.13 -7.15 9.54
C THR B 86 -1.94 -8.00 8.58
N GLU B 87 -1.31 -9.01 7.96
CA GLU B 87 -2.02 -9.81 6.96
C GLU B 87 -3.18 -10.59 7.57
N MET B 88 -3.08 -10.95 8.85
CA MET B 88 -4.12 -11.75 9.49
C MET B 88 -5.46 -11.03 9.54
N TRP B 89 -5.48 -9.71 9.39
CA TRP B 89 -6.71 -8.93 9.36
C TRP B 89 -7.15 -8.57 7.96
N ASN B 90 -6.31 -8.82 6.95
CA ASN B 90 -6.64 -8.50 5.56
C ASN B 90 -7.62 -9.52 4.99
N PRO B 91 -8.34 -9.16 3.92
CA PRO B 91 -9.31 -10.09 3.34
C PRO B 91 -8.63 -11.36 2.82
N ASN B 92 -9.26 -12.50 3.10
CA ASN B 92 -8.79 -13.79 2.63
C ASN B 92 -9.71 -14.42 1.59
N ARG B 93 -10.73 -13.68 1.13
CA ARG B 93 -11.53 -14.02 -0.04
C ARG B 93 -11.57 -12.80 -0.95
N GLU B 94 -11.96 -12.98 -2.21
CA GLU B 94 -11.98 -11.84 -3.13
C GLU B 94 -13.05 -10.83 -2.73
N LEU B 95 -12.78 -9.59 -3.08
CA LEU B 95 -13.66 -8.49 -2.71
C LEU B 95 -14.83 -8.42 -3.68
N SER B 96 -15.97 -8.01 -3.13
CA SER B 96 -17.19 -7.87 -3.92
C SER B 96 -18.21 -7.10 -3.09
N GLU B 97 -19.04 -6.31 -3.78
CA GLU B 97 -20.20 -5.71 -3.14
C GLU B 97 -21.25 -6.75 -2.79
N ASP B 98 -21.23 -7.89 -3.47
CA ASP B 98 -22.09 -9.03 -3.14
C ASP B 98 -21.41 -9.82 -2.02
N CYS B 99 -21.63 -9.37 -0.79
CA CYS B 99 -20.92 -9.92 0.36
C CYS B 99 -21.79 -10.18 1.57
N LEU B 100 -23.10 -9.93 1.51
CA LEU B 100 -23.97 -10.07 2.67
C LEU B 100 -24.31 -11.54 2.87
N TYR B 101 -23.39 -12.25 3.50
CA TYR B 101 -23.54 -13.67 3.81
C TYR B 101 -23.13 -13.90 5.26
N LEU B 102 -23.81 -14.86 5.90
CA LEU B 102 -23.52 -15.22 7.28
C LEU B 102 -23.12 -16.69 7.36
N ASN B 103 -22.60 -17.07 8.52
CA ASN B 103 -22.10 -18.42 8.76
C ASN B 103 -22.66 -18.95 10.07
N VAL B 104 -22.89 -20.25 10.12
CA VAL B 104 -23.44 -20.91 11.30
C VAL B 104 -22.60 -22.15 11.60
N TRP B 105 -22.02 -22.20 12.79
CA TRP B 105 -21.39 -23.41 13.31
C TRP B 105 -22.32 -24.07 14.30
N THR B 106 -22.37 -25.40 14.28
CA THR B 106 -23.23 -26.16 15.18
C THR B 106 -22.52 -27.46 15.51
N PRO B 107 -22.66 -27.97 16.74
CA PRO B 107 -21.91 -29.17 17.13
C PRO B 107 -22.42 -30.42 16.43
N TYR B 108 -21.55 -31.42 16.36
CA TYR B 108 -21.98 -32.75 15.96
C TYR B 108 -21.90 -33.69 17.15
N PRO B 109 -22.95 -34.47 17.43
CA PRO B 109 -24.23 -34.41 16.71
C PRO B 109 -24.99 -33.10 16.97
N ARG B 110 -25.87 -32.72 16.06
CA ARG B 110 -26.66 -31.52 16.25
C ARG B 110 -27.43 -31.61 17.57
N PRO B 111 -27.48 -30.52 18.35
CA PRO B 111 -28.21 -30.57 19.62
C PRO B 111 -29.69 -30.85 19.40
N THR B 112 -30.24 -31.74 20.22
CA THR B 112 -31.66 -32.07 20.15
C THR B 112 -32.50 -31.09 20.94
N SER B 113 -31.96 -30.54 22.02
CA SER B 113 -32.52 -29.48 22.85
C SER B 113 -31.97 -28.13 22.42
N PRO B 114 -32.79 -27.08 22.47
CA PRO B 114 -32.33 -25.76 22.02
C PRO B 114 -31.11 -25.29 22.82
N THR B 115 -30.12 -24.75 22.10
CA THR B 115 -28.83 -24.39 22.62
C THR B 115 -28.59 -22.89 22.48
N PRO B 116 -28.02 -22.24 23.50
CA PRO B 116 -27.74 -20.80 23.38
C PRO B 116 -26.84 -20.49 22.19
N VAL B 117 -27.03 -19.30 21.64
CA VAL B 117 -26.39 -18.88 20.40
C VAL B 117 -25.41 -17.76 20.71
N LEU B 118 -24.18 -17.89 20.21
CA LEU B 118 -23.22 -16.81 20.21
C LEU B 118 -23.17 -16.20 18.81
N VAL B 119 -23.24 -14.87 18.73
CA VAL B 119 -23.26 -14.16 17.46
C VAL B 119 -22.07 -13.20 17.44
N TRP B 120 -21.15 -13.41 16.51
CA TRP B 120 -19.92 -12.64 16.43
C TRP B 120 -20.04 -11.51 15.43
N ILE B 121 -19.60 -10.32 15.83
CA ILE B 121 -19.52 -9.15 14.95
C ILE B 121 -18.07 -8.72 14.92
N TYR B 122 -17.43 -8.85 13.77
CA TYR B 122 -16.01 -8.53 13.68
C TYR B 122 -15.80 -7.02 13.76
N GLY B 123 -14.59 -6.64 14.17
CA GLY B 123 -14.18 -5.26 14.19
C GLY B 123 -13.36 -4.89 12.97
N GLY B 124 -12.74 -3.72 13.03
CA GLY B 124 -11.93 -3.24 11.93
C GLY B 124 -12.18 -1.77 11.62
N GLY B 125 -12.47 -0.99 12.65
CA GLY B 125 -12.67 0.44 12.50
C GLY B 125 -13.79 0.84 11.57
N PHE B 126 -14.78 -0.04 11.38
CA PHE B 126 -15.90 0.16 10.46
C PHE B 126 -15.46 0.33 9.01
N TYR B 127 -14.18 0.12 8.71
CA TYR B 127 -13.67 0.24 7.35
C TYR B 127 -13.13 -1.07 6.79
N SER B 128 -12.96 -2.10 7.61
CA SER B 128 -12.39 -3.36 7.16
C SER B 128 -12.96 -4.49 8.01
N GLY B 129 -12.56 -5.72 7.69
CA GLY B 129 -13.00 -6.88 8.43
C GLY B 129 -13.79 -7.87 7.61
N ALA B 130 -13.83 -9.12 8.06
CA ALA B 130 -14.58 -10.16 7.39
C ALA B 130 -14.77 -11.32 8.36
N SER B 131 -15.89 -12.03 8.21
CA SER B 131 -16.15 -13.20 9.03
C SER B 131 -15.36 -14.42 8.60
N SER B 132 -14.62 -14.33 7.50
CA SER B 132 -13.86 -15.45 6.95
C SER B 132 -12.45 -15.53 7.51
N LEU B 133 -12.03 -14.56 8.31
CA LEU B 133 -10.66 -14.56 8.82
C LEU B 133 -10.39 -15.80 9.66
N ASP B 134 -9.15 -16.26 9.63
CA ASP B 134 -8.79 -17.50 10.31
C ASP B 134 -8.98 -17.39 11.83
N VAL B 135 -8.73 -16.21 12.40
CA VAL B 135 -8.83 -16.04 13.84
C VAL B 135 -10.27 -15.99 14.34
N TYR B 136 -11.25 -16.02 13.43
CA TYR B 136 -12.66 -16.10 13.79
C TYR B 136 -13.24 -17.49 13.56
N ASP B 137 -12.38 -18.48 13.30
CA ASP B 137 -12.82 -19.86 13.10
C ASP B 137 -13.56 -20.37 14.33
N GLY B 138 -14.86 -20.60 14.18
CA GLY B 138 -15.70 -21.01 15.29
C GLY B 138 -15.74 -22.49 15.59
N ARG B 139 -14.86 -23.29 14.98
CA ARG B 139 -14.94 -24.73 15.15
C ARG B 139 -14.50 -25.17 16.55
N PHE B 140 -13.54 -24.46 17.15
CA PHE B 140 -13.05 -24.87 18.47
C PHE B 140 -13.97 -24.40 19.58
N LEU B 141 -14.59 -23.23 19.43
CA LEU B 141 -15.54 -22.76 20.43
C LEU B 141 -16.79 -23.61 20.45
N VAL B 142 -17.26 -24.05 19.28
CA VAL B 142 -18.48 -24.85 19.20
C VAL B 142 -18.23 -26.26 19.67
N GLN B 143 -17.07 -26.84 19.32
CA GLN B 143 -16.77 -28.20 19.76
C GLN B 143 -16.60 -28.27 21.27
N ALA B 144 -15.83 -27.33 21.83
CA ALA B 144 -15.45 -27.44 23.23
C ALA B 144 -16.61 -27.10 24.17
N GLU B 145 -17.52 -26.23 23.75
CA GLU B 145 -18.58 -25.77 24.63
C GLU B 145 -19.98 -26.08 24.11
N ARG B 146 -20.11 -26.76 22.97
CA ARG B 146 -21.40 -27.23 22.45
C ARG B 146 -22.44 -26.11 22.41
N THR B 147 -22.04 -24.98 21.86
CA THR B 147 -22.93 -23.86 21.60
C THR B 147 -23.05 -23.64 20.10
N VAL B 148 -23.99 -22.79 19.71
CA VAL B 148 -24.21 -22.43 18.31
C VAL B 148 -23.58 -21.07 18.06
N LEU B 149 -22.70 -20.99 17.07
CA LEU B 149 -21.97 -19.77 16.75
C LEU B 149 -22.43 -19.27 15.38
N VAL B 150 -22.81 -17.99 15.32
CA VAL B 150 -23.21 -17.34 14.08
C VAL B 150 -22.33 -16.11 13.90
N SER B 151 -21.84 -15.92 12.68
CA SER B 151 -21.11 -14.71 12.32
C SER B 151 -21.56 -14.25 10.95
N MET B 152 -21.60 -12.93 10.76
CA MET B 152 -22.11 -12.35 9.53
C MET B 152 -21.13 -11.34 8.98
N ASN B 153 -21.26 -11.08 7.68
CA ASN B 153 -20.57 -9.98 7.04
C ASN B 153 -21.49 -8.76 7.00
N TYR B 154 -20.89 -7.59 7.15
CA TYR B 154 -21.63 -6.34 7.03
C TYR B 154 -20.79 -5.33 6.26
N ARG B 155 -21.46 -4.44 5.54
CA ARG B 155 -20.78 -3.49 4.69
C ARG B 155 -19.95 -2.52 5.53
N VAL B 156 -18.71 -2.29 5.11
CA VAL B 156 -17.80 -1.39 5.80
C VAL B 156 -17.42 -0.25 4.86
N GLY B 157 -16.76 0.75 5.43
CA GLY B 157 -16.33 1.90 4.63
C GLY B 157 -17.50 2.72 4.13
N ALA B 158 -17.31 3.32 2.96
CA ALA B 158 -18.37 4.14 2.36
C ALA B 158 -19.60 3.29 2.02
N PHE B 159 -19.40 2.04 1.60
CA PHE B 159 -20.52 1.18 1.24
C PHE B 159 -21.42 0.88 2.43
N GLY B 160 -20.92 1.02 3.64
CA GLY B 160 -21.72 0.74 4.82
C GLY B 160 -22.07 1.97 5.63
N PHE B 161 -21.31 3.06 5.49
CA PHE B 161 -21.48 4.19 6.38
C PHE B 161 -21.29 5.55 5.73
N LEU B 162 -21.23 5.64 4.40
CA LEU B 162 -21.32 6.95 3.76
C LEU B 162 -22.73 7.50 3.99
N ALA B 163 -22.81 8.72 4.49
CA ALA B 163 -24.08 9.28 4.93
C ALA B 163 -24.21 10.71 4.44
N LEU B 164 -25.22 10.95 3.61
CA LEU B 164 -25.74 12.30 3.42
C LEU B 164 -27.01 12.38 4.26
N PRO B 165 -26.91 12.83 5.51
CA PRO B 165 -28.02 12.67 6.45
C PRO B 165 -29.28 13.39 6.00
N GLY B 166 -30.42 12.85 6.42
CA GLY B 166 -31.72 13.33 5.98
C GLY B 166 -32.13 12.88 4.60
N SER B 167 -31.18 12.44 3.76
CA SER B 167 -31.51 12.00 2.42
C SER B 167 -32.01 10.56 2.42
N ARG B 168 -32.66 10.19 1.32
CA ARG B 168 -33.22 8.86 1.15
C ARG B 168 -32.28 7.91 0.43
N GLU B 169 -31.31 8.44 -0.33
CA GLU B 169 -30.42 7.61 -1.13
C GLU B 169 -29.16 7.19 -0.38
N ALA B 170 -28.74 7.96 0.64
CA ALA B 170 -27.59 7.62 1.46
C ALA B 170 -27.90 7.97 2.91
N PRO B 171 -28.79 7.21 3.55
CA PRO B 171 -29.19 7.55 4.93
C PRO B 171 -28.09 7.30 5.95
N GLY B 172 -27.14 6.42 5.65
CA GLY B 172 -26.11 6.06 6.60
C GLY B 172 -26.52 4.89 7.47
N ASN B 173 -25.53 4.35 8.19
CA ASN B 173 -25.71 3.25 9.15
C ASN B 173 -26.24 1.98 8.50
N VAL B 174 -26.18 1.88 7.17
CA VAL B 174 -26.67 0.67 6.51
C VAL B 174 -25.81 -0.54 6.86
N GLY B 175 -24.55 -0.33 7.24
CA GLY B 175 -23.74 -1.43 7.73
C GLY B 175 -24.26 -1.97 9.05
N LEU B 176 -24.75 -1.09 9.92
CA LEU B 176 -25.40 -1.54 11.15
C LEU B 176 -26.73 -2.23 10.85
N LEU B 177 -27.42 -1.80 9.79
CA LEU B 177 -28.66 -2.47 9.40
C LEU B 177 -28.38 -3.85 8.83
N ASP B 178 -27.26 -4.02 8.14
CA ASP B 178 -26.85 -5.37 7.72
C ASP B 178 -26.74 -6.30 8.91
N GLN B 179 -26.15 -5.82 10.01
CA GLN B 179 -26.03 -6.63 11.21
C GLN B 179 -27.41 -6.93 11.80
N ARG B 180 -28.30 -5.94 11.80
CA ARG B 180 -29.64 -6.15 12.34
C ARG B 180 -30.40 -7.20 11.53
N LEU B 181 -30.30 -7.12 10.20
CA LEU B 181 -30.95 -8.12 9.35
C LEU B 181 -30.42 -9.52 9.64
N ALA B 182 -29.11 -9.63 9.87
CA ALA B 182 -28.53 -10.92 10.25
C ALA B 182 -29.04 -11.38 11.61
N LEU B 183 -29.36 -10.43 12.49
CA LEU B 183 -29.92 -10.81 13.79
C LEU B 183 -31.37 -11.24 13.65
N GLN B 184 -32.13 -10.61 12.75
CA GLN B 184 -33.47 -11.09 12.43
C GLN B 184 -33.43 -12.46 11.79
N TRP B 185 -32.41 -12.71 10.96
CA TRP B 185 -32.26 -14.03 10.35
C TRP B 185 -32.03 -15.11 11.41
N VAL B 186 -31.24 -14.79 12.43
CA VAL B 186 -30.98 -15.76 13.49
C VAL B 186 -32.27 -16.07 14.26
N GLN B 187 -33.10 -15.05 14.48
CA GLN B 187 -34.36 -15.27 15.17
C GLN B 187 -35.26 -16.24 14.41
N GLU B 188 -35.23 -16.17 13.07
CA GLU B 188 -36.15 -16.95 12.25
C GLU B 188 -35.60 -18.31 11.85
N ASN B 189 -34.29 -18.53 11.94
CA ASN B 189 -33.72 -19.75 11.37
C ASN B 189 -32.72 -20.49 12.25
N VAL B 190 -32.24 -19.92 13.35
CA VAL B 190 -31.21 -20.60 14.14
C VAL B 190 -31.75 -21.85 14.80
N ALA B 191 -33.08 -21.98 14.93
CA ALA B 191 -33.65 -23.20 15.50
C ALA B 191 -33.40 -24.40 14.60
N ALA B 192 -33.37 -24.19 13.28
CA ALA B 192 -33.11 -25.29 12.35
C ALA B 192 -31.72 -25.89 12.54
N PHE B 193 -30.80 -25.15 13.16
CA PHE B 193 -29.46 -25.66 13.45
C PHE B 193 -29.33 -26.13 14.89
N GLY B 194 -30.43 -26.14 15.65
CA GLY B 194 -30.39 -26.52 17.05
C GLY B 194 -30.10 -25.38 18.00
N GLY B 195 -30.27 -24.14 17.58
CA GLY B 195 -29.98 -22.99 18.40
C GLY B 195 -31.24 -22.39 19.02
N ASP B 196 -31.08 -21.83 20.22
CA ASP B 196 -32.18 -21.25 20.95
C ASP B 196 -32.32 -19.77 20.59
N PRO B 197 -33.37 -19.37 19.86
CA PRO B 197 -33.53 -17.95 19.54
C PRO B 197 -33.93 -17.09 20.73
N THR B 198 -34.22 -17.68 21.89
CA THR B 198 -34.49 -16.95 23.11
C THR B 198 -33.25 -16.85 24.00
N SER B 199 -32.07 -17.13 23.45
CA SER B 199 -30.85 -17.08 24.23
C SER B 199 -29.66 -16.84 23.30
N VAL B 200 -29.64 -15.70 22.62
CA VAL B 200 -28.54 -15.34 21.73
C VAL B 200 -27.73 -14.23 22.39
N THR B 201 -26.41 -14.36 22.33
CA THR B 201 -25.49 -13.46 23.02
C THR B 201 -24.57 -12.81 21.99
N LEU B 202 -24.72 -11.50 21.82
CA LEU B 202 -23.85 -10.76 20.92
C LEU B 202 -22.47 -10.60 21.53
N PHE B 203 -21.43 -10.76 20.71
CA PHE B 203 -20.08 -10.44 21.15
C PHE B 203 -19.25 -10.01 19.95
N GLY B 204 -18.47 -8.96 20.14
CA GLY B 204 -17.63 -8.40 19.10
C GLY B 204 -16.46 -7.66 19.70
N GLU B 205 -15.50 -7.34 18.84
CA GLU B 205 -14.27 -6.68 19.26
C GLU B 205 -14.09 -5.38 18.50
N SER B 206 -13.51 -4.39 19.18
CA SER B 206 -13.23 -3.07 18.60
C SER B 206 -14.48 -2.45 18.01
N ALA B 207 -14.50 -2.25 16.69
CA ALA B 207 -15.69 -1.70 16.04
C ALA B 207 -16.86 -2.66 16.15
N GLY B 208 -16.61 -3.96 16.29
CA GLY B 208 -17.69 -4.89 16.55
C GLY B 208 -18.26 -4.73 17.95
N ALA B 209 -17.39 -4.49 18.93
CA ALA B 209 -17.87 -4.18 20.28
C ALA B 209 -18.67 -2.88 20.29
N ALA B 210 -18.20 -1.87 19.54
CA ALA B 210 -18.99 -0.66 19.37
C ALA B 210 -20.34 -0.97 18.73
N SER B 211 -20.35 -1.86 17.73
CA SER B 211 -21.61 -2.24 17.09
C SER B 211 -22.55 -2.91 18.07
N VAL B 212 -22.03 -3.82 18.91
CA VAL B 212 -22.85 -4.45 19.93
C VAL B 212 -23.44 -3.39 20.85
N GLY B 213 -22.66 -2.36 21.18
CA GLY B 213 -23.17 -1.29 22.02
C GLY B 213 -24.31 -0.53 21.38
N MET B 214 -24.18 -0.19 20.09
CA MET B 214 -25.25 0.52 19.40
C MET B 214 -26.50 -0.33 19.23
N HIS B 215 -26.38 -1.66 19.30
CA HIS B 215 -27.56 -2.51 19.26
C HIS B 215 -28.30 -2.51 20.59
N LEU B 216 -27.57 -2.36 21.71
CA LEU B 216 -28.22 -2.17 22.99
C LEU B 216 -29.03 -0.87 23.00
N LEU B 217 -28.49 0.18 22.38
CA LEU B 217 -29.09 1.51 22.40
C LEU B 217 -30.07 1.73 21.26
N SER B 218 -30.32 0.72 20.42
CA SER B 218 -31.31 0.83 19.35
C SER B 218 -32.49 -0.05 19.69
N PRO B 219 -33.69 0.53 19.88
CA PRO B 219 -34.86 -0.28 20.26
C PRO B 219 -35.16 -1.41 19.28
N PRO B 220 -35.15 -1.17 17.96
CA PRO B 220 -35.47 -2.27 17.04
C PRO B 220 -34.49 -3.44 17.10
N SER B 221 -33.27 -3.21 17.55
CA SER B 221 -32.30 -4.29 17.67
C SER B 221 -32.28 -4.93 19.05
N ARG B 222 -32.75 -4.22 20.09
CA ARG B 222 -32.62 -4.71 21.46
C ARG B 222 -33.41 -5.99 21.69
N GLY B 223 -34.55 -6.15 21.02
CA GLY B 223 -35.34 -7.35 21.15
C GLY B 223 -34.86 -8.55 20.38
N LEU B 224 -33.74 -8.43 19.65
CA LEU B 224 -33.18 -9.53 18.90
C LEU B 224 -32.06 -10.24 19.63
N PHE B 225 -31.71 -9.80 20.84
CA PHE B 225 -30.68 -10.46 21.63
C PHE B 225 -30.97 -10.21 23.10
N HIS B 226 -30.18 -10.87 23.96
CA HIS B 226 -30.50 -10.91 25.38
C HIS B 226 -29.29 -10.58 26.24
N ARG B 227 -28.10 -10.84 25.72
CA ARG B 227 -26.85 -10.53 26.42
C ARG B 227 -25.90 -9.86 25.44
N ALA B 228 -24.83 -9.27 25.99
CA ALA B 228 -23.88 -8.52 25.18
C ALA B 228 -22.48 -8.69 25.74
N VAL B 229 -21.50 -8.80 24.84
CA VAL B 229 -20.09 -8.81 25.20
C VAL B 229 -19.37 -7.79 24.34
N LEU B 230 -18.64 -6.89 25.00
CA LEU B 230 -17.95 -5.79 24.32
C LEU B 230 -16.46 -5.91 24.61
N GLN B 231 -15.69 -6.33 23.62
CA GLN B 231 -14.25 -6.56 23.77
C GLN B 231 -13.50 -5.39 23.14
N SER B 232 -12.90 -4.55 24.00
CA SER B 232 -12.02 -3.47 23.56
C SER B 232 -12.73 -2.50 22.61
N GLY B 233 -13.93 -2.09 23.01
CA GLY B 233 -14.70 -1.16 22.19
C GLY B 233 -16.01 -0.81 22.87
N ALA B 234 -16.53 0.35 22.48
CA ALA B 234 -17.77 0.88 23.04
C ALA B 234 -18.36 1.88 22.07
N PRO B 235 -19.69 2.02 22.03
CA PRO B 235 -20.30 2.98 21.09
C PRO B 235 -20.03 4.43 21.42
N ASN B 236 -19.60 4.74 22.65
CA ASN B 236 -19.36 6.11 23.06
C ASN B 236 -17.93 6.57 22.82
N GLY B 237 -17.08 5.73 22.24
CA GLY B 237 -15.72 6.10 21.92
C GLY B 237 -15.66 7.28 20.98
N PRO B 238 -14.58 8.06 21.06
CA PRO B 238 -14.46 9.23 20.18
C PRO B 238 -14.34 8.90 18.70
N TRP B 239 -14.16 7.62 18.37
CA TRP B 239 -14.02 7.17 16.98
C TRP B 239 -15.24 6.43 16.46
N ALA B 240 -16.14 5.98 17.33
CA ALA B 240 -17.20 5.07 16.94
C ALA B 240 -18.36 5.76 16.24
N THR B 241 -18.55 7.06 16.46
CA THR B 241 -19.63 7.80 15.82
C THR B 241 -19.08 9.10 15.25
N VAL B 242 -19.89 9.74 14.41
CA VAL B 242 -19.53 10.99 13.77
C VAL B 242 -20.76 11.87 13.68
N GLY B 243 -20.53 13.19 13.64
CA GLY B 243 -21.63 14.13 13.62
C GLY B 243 -22.31 14.21 12.27
N MET B 244 -23.51 14.80 12.29
CA MET B 244 -24.31 14.94 11.07
C MET B 244 -23.55 15.74 10.01
N GLY B 245 -23.16 16.97 10.35
CA GLY B 245 -22.50 17.82 9.37
C GLY B 245 -21.14 17.31 8.95
N GLU B 246 -20.43 16.61 9.85
CA GLU B 246 -19.12 16.07 9.49
C GLU B 246 -19.25 14.91 8.53
N ALA B 247 -20.26 14.05 8.73
CA ALA B 247 -20.48 12.95 7.81
C ALA B 247 -20.85 13.45 6.41
N ARG B 248 -21.61 14.54 6.34
CA ARG B 248 -21.95 15.13 5.05
C ARG B 248 -20.70 15.71 4.38
N ARG B 249 -19.80 16.32 5.17
CA ARG B 249 -18.57 16.85 4.60
C ARG B 249 -17.68 15.74 4.05
N ARG B 250 -17.60 14.61 4.76
CA ARG B 250 -16.75 13.52 4.29
C ARG B 250 -17.33 12.87 3.06
N ALA B 251 -18.66 12.70 3.00
CA ALA B 251 -19.28 12.13 1.82
C ALA B 251 -19.10 13.03 0.60
N THR B 252 -19.26 14.34 0.80
CA THR B 252 -19.06 15.27 -0.31
C THR B 252 -17.60 15.30 -0.75
N GLN B 253 -16.67 15.17 0.20
CA GLN B 253 -15.25 15.18 -0.16
C GLN B 253 -14.86 13.92 -0.91
N LEU B 254 -15.44 12.78 -0.55
CA LEU B 254 -15.21 11.56 -1.33
C LEU B 254 -15.78 11.69 -2.73
N ALA B 255 -16.96 12.31 -2.85
CA ALA B 255 -17.55 12.54 -4.17
C ALA B 255 -16.65 13.41 -5.03
N HIS B 256 -16.08 14.48 -4.46
CA HIS B 256 -15.22 15.36 -5.22
C HIS B 256 -13.96 14.63 -5.70
N LEU B 257 -13.38 13.78 -4.85
CA LEU B 257 -12.13 13.12 -5.19
C LEU B 257 -12.31 12.13 -6.34
N VAL B 258 -13.52 11.60 -6.52
CA VAL B 258 -13.80 10.66 -7.61
C VAL B 258 -14.56 11.31 -8.76
N GLY B 259 -14.67 12.63 -8.76
CA GLY B 259 -15.28 13.34 -9.88
C GLY B 259 -16.77 13.54 -9.80
N CYS B 260 -17.33 13.66 -8.60
CA CYS B 260 -18.76 13.89 -8.43
C CYS B 260 -18.99 15.15 -7.62
N PRO B 261 -19.81 16.09 -8.10
CA PRO B 261 -20.50 16.02 -9.39
C PRO B 261 -19.61 16.42 -10.56
N PRO B 262 -19.98 16.05 -11.78
CA PRO B 262 -19.22 16.50 -12.95
C PRO B 262 -19.24 18.02 -13.06
N GLY B 263 -18.13 18.56 -13.57
CA GLY B 263 -17.97 20.01 -13.67
C GLY B 263 -19.02 20.70 -14.51
N GLY B 264 -19.99 21.32 -13.84
CA GLY B 264 -21.02 22.06 -14.53
C GLY B 264 -22.43 21.78 -14.05
N THR B 265 -22.61 20.67 -13.34
CA THR B 265 -23.93 20.25 -12.87
C THR B 265 -24.09 20.56 -11.38
N GLY B 266 -25.35 20.57 -10.94
CA GLY B 266 -25.65 20.83 -9.56
C GLY B 266 -25.20 19.69 -8.65
N GLY B 267 -25.33 19.93 -7.34
CA GLY B 267 -24.85 18.97 -6.38
C GLY B 267 -25.76 18.70 -5.20
N ASN B 268 -27.07 18.57 -5.44
CA ASN B 268 -27.95 18.16 -4.36
C ASN B 268 -27.71 16.69 -4.04
N ASP B 269 -28.36 16.22 -2.97
CA ASP B 269 -28.08 14.88 -2.46
C ASP B 269 -28.41 13.78 -3.48
N THR B 270 -29.46 13.99 -4.28
CA THR B 270 -29.85 12.97 -5.25
C THR B 270 -28.81 12.84 -6.36
N GLU B 271 -28.33 13.96 -6.89
CA GLU B 271 -27.37 13.90 -7.99
C GLU B 271 -26.00 13.44 -7.51
N LEU B 272 -25.69 13.66 -6.23
CA LEU B 272 -24.38 13.24 -5.71
C LEU B 272 -24.30 11.72 -5.60
N VAL B 273 -25.31 11.10 -4.99
CA VAL B 273 -25.29 9.64 -4.82
C VAL B 273 -25.40 8.95 -6.18
N ALA B 274 -26.19 9.52 -7.10
CA ALA B 274 -26.31 8.93 -8.43
C ALA B 274 -24.97 8.85 -9.13
N CYS B 275 -24.17 9.91 -9.03
CA CYS B 275 -22.81 9.87 -9.58
C CYS B 275 -21.94 8.88 -8.82
N LEU B 276 -22.13 8.79 -7.50
CA LEU B 276 -21.35 7.86 -6.70
C LEU B 276 -21.64 6.40 -7.06
N ARG B 277 -22.88 6.10 -7.44
CA ARG B 277 -23.26 4.73 -7.75
C ARG B 277 -22.71 4.25 -9.08
N THR B 278 -22.31 5.18 -9.97
CA THR B 278 -21.72 4.80 -11.25
C THR B 278 -20.23 4.52 -11.16
N ARG B 279 -19.61 4.78 -10.01
CA ARG B 279 -18.17 4.57 -9.90
C ARG B 279 -17.87 3.13 -9.51
N PRO B 280 -16.77 2.56 -10.04
CA PRO B 280 -16.34 1.24 -9.58
C PRO B 280 -16.04 1.27 -8.09
N ALA B 281 -16.34 0.16 -7.42
CA ALA B 281 -16.21 0.11 -5.97
C ALA B 281 -14.78 0.35 -5.52
N GLN B 282 -13.80 -0.15 -6.29
CA GLN B 282 -12.40 0.04 -5.91
C GLN B 282 -12.01 1.52 -5.97
N VAL B 283 -12.62 2.29 -6.87
CA VAL B 283 -12.29 3.71 -6.96
C VAL B 283 -12.67 4.44 -5.69
N LEU B 284 -13.82 4.08 -5.10
CA LEU B 284 -14.22 4.68 -3.84
C LEU B 284 -13.28 4.29 -2.72
N VAL B 285 -12.85 3.03 -2.68
CA VAL B 285 -11.93 2.56 -1.65
C VAL B 285 -10.60 3.29 -1.74
N ASN B 286 -10.16 3.63 -2.95
CA ASN B 286 -8.84 4.21 -3.16
C ASN B 286 -8.72 5.64 -2.66
N HIS B 287 -9.81 6.25 -2.21
CA HIS B 287 -9.76 7.62 -1.70
C HIS B 287 -10.37 7.73 -0.31
N GLU B 288 -10.54 6.60 0.39
CA GLU B 288 -11.23 6.62 1.68
C GLU B 288 -10.45 7.41 2.72
N TRP B 289 -9.14 7.19 2.81
CA TRP B 289 -8.33 7.82 3.85
C TRP B 289 -8.03 9.29 3.55
N HIS B 290 -8.16 9.73 2.30
CA HIS B 290 -7.98 11.12 1.94
C HIS B 290 -9.18 11.98 2.31
N VAL B 291 -9.98 11.54 3.28
CA VAL B 291 -11.18 12.26 3.68
C VAL B 291 -11.14 12.69 5.15
N LEU B 292 -10.32 12.06 5.98
CA LEU B 292 -10.19 12.46 7.38
C LEU B 292 -9.70 13.91 7.48
N PRO B 293 -10.14 14.64 8.49
CA PRO B 293 -9.83 16.08 8.54
C PRO B 293 -8.39 16.41 8.89
N GLN B 294 -7.65 15.50 9.54
CA GLN B 294 -6.27 15.81 9.91
C GLN B 294 -5.52 14.52 10.19
N GLU B 295 -4.20 14.66 10.33
CA GLU B 295 -3.36 13.52 10.69
C GLU B 295 -3.73 13.01 12.07
N SER B 296 -3.89 11.70 12.18
CA SER B 296 -4.37 11.10 13.42
C SER B 296 -4.12 9.61 13.41
N VAL B 297 -4.36 8.99 14.56
CA VAL B 297 -4.47 7.55 14.69
C VAL B 297 -5.79 7.25 15.38
N PHE B 298 -6.30 6.05 15.16
CA PHE B 298 -7.56 5.60 15.75
C PHE B 298 -8.73 6.49 15.33
N ARG B 299 -8.69 6.97 14.09
CA ARG B 299 -9.78 7.73 13.50
C ARG B 299 -10.08 7.17 12.12
N PHE B 300 -11.36 7.02 11.80
CA PHE B 300 -11.79 6.34 10.59
C PHE B 300 -12.82 7.19 9.85
N SER B 301 -12.80 7.07 8.52
CA SER B 301 -13.53 8.02 7.68
C SER B 301 -15.04 7.85 7.81
N PHE B 302 -15.54 6.65 7.60
CA PHE B 302 -16.98 6.40 7.52
C PHE B 302 -17.39 5.49 8.67
N VAL B 303 -18.06 6.06 9.66
CA VAL B 303 -18.46 5.36 10.88
C VAL B 303 -19.95 5.61 11.09
N PRO B 304 -20.59 4.94 12.06
CA PRO B 304 -22.01 5.24 12.34
C PRO B 304 -22.24 6.73 12.60
N VAL B 305 -23.31 7.24 12.01
CA VAL B 305 -23.69 8.64 12.13
C VAL B 305 -24.86 8.76 13.10
N VAL B 306 -24.84 9.80 13.92
CA VAL B 306 -25.96 10.12 14.81
C VAL B 306 -26.97 10.91 14.00
N ASP B 307 -28.09 10.27 13.64
CA ASP B 307 -29.06 10.88 12.73
C ASP B 307 -30.47 11.01 13.28
N GLY B 308 -30.82 10.29 14.34
CA GLY B 308 -32.17 10.25 14.85
C GLY B 308 -32.94 8.99 14.52
N ASP B 309 -32.45 8.20 13.57
CA ASP B 309 -33.10 6.96 13.19
C ASP B 309 -32.55 5.78 13.99
N PHE B 310 -31.47 5.16 13.51
CA PHE B 310 -30.86 4.06 14.25
C PHE B 310 -30.45 4.49 15.65
N LEU B 311 -29.94 5.71 15.77
CA LEU B 311 -29.57 6.30 17.07
C LEU B 311 -30.42 7.55 17.24
N SER B 312 -31.46 7.46 18.09
CA SER B 312 -32.31 8.61 18.36
C SER B 312 -31.54 9.77 18.98
N ASP B 313 -30.44 9.49 19.64
CA ASP B 313 -29.55 10.51 20.17
C ASP B 313 -28.13 9.96 20.14
N THR B 314 -27.19 10.77 20.62
CA THR B 314 -25.81 10.31 20.71
C THR B 314 -25.73 9.08 21.60
N PRO B 315 -24.73 8.21 21.39
CA PRO B 315 -24.55 7.09 22.32
C PRO B 315 -24.48 7.53 23.76
N GLU B 316 -23.58 8.46 24.08
CA GLU B 316 -23.41 8.92 25.47
C GLU B 316 -24.73 9.36 26.09
N ALA B 317 -25.58 10.03 25.33
CA ALA B 317 -26.88 10.45 25.85
C ALA B 317 -27.76 9.25 26.15
N LEU B 318 -27.77 8.25 25.27
CA LEU B 318 -28.63 7.09 25.46
C LEU B 318 -28.14 6.18 26.57
N ILE B 319 -26.82 6.13 26.78
CA ILE B 319 -26.29 5.33 27.89
C ILE B 319 -26.69 5.93 29.23
N ASN B 320 -26.73 7.26 29.32
CA ASN B 320 -27.08 7.92 30.57
C ASN B 320 -28.57 7.80 30.87
N ALA B 321 -29.41 7.96 29.85
CA ALA B 321 -30.86 7.96 30.01
C ALA B 321 -31.48 6.59 29.78
N GLY B 322 -30.71 5.52 29.92
CA GLY B 322 -31.17 4.17 29.59
C GLY B 322 -31.38 3.32 30.84
N ASP B 323 -32.41 2.48 30.80
CA ASP B 323 -32.66 1.48 31.82
C ASP B 323 -32.22 0.12 31.29
N PHE B 324 -31.37 -0.57 32.04
CA PHE B 324 -30.75 -1.80 31.58
C PHE B 324 -31.05 -2.97 32.52
N HIS B 325 -32.20 -2.93 33.18
CA HIS B 325 -32.61 -4.07 34.01
C HIS B 325 -32.91 -5.28 33.13
N GLY B 326 -32.57 -6.46 33.64
CA GLY B 326 -32.75 -7.67 32.87
C GLY B 326 -31.72 -7.89 31.79
N LEU B 327 -30.56 -7.23 31.88
CA LEU B 327 -29.50 -7.34 30.89
C LEU B 327 -28.20 -7.67 31.59
N GLN B 328 -27.44 -8.60 31.01
CA GLN B 328 -26.11 -8.97 31.50
C GLN B 328 -25.09 -8.62 30.42
N VAL B 329 -24.03 -7.94 30.83
CA VAL B 329 -22.99 -7.48 29.91
C VAL B 329 -21.63 -7.96 30.40
N LEU B 330 -20.78 -8.36 29.47
CA LEU B 330 -19.38 -8.68 29.73
C LEU B 330 -18.52 -7.73 28.91
N VAL B 331 -17.68 -6.95 29.57
CA VAL B 331 -16.82 -5.97 28.92
C VAL B 331 -15.39 -6.19 29.37
N GLY B 332 -14.45 -5.66 28.59
CA GLY B 332 -13.05 -5.79 28.94
C GLY B 332 -12.16 -5.15 27.91
N VAL B 333 -10.87 -5.11 28.23
CA VAL B 333 -9.84 -4.49 27.41
C VAL B 333 -8.59 -5.37 27.48
N VAL B 334 -7.64 -5.08 26.60
CA VAL B 334 -6.33 -5.71 26.64
C VAL B 334 -5.37 -4.80 27.38
N LYS B 335 -4.21 -5.34 27.75
CA LYS B 335 -3.29 -4.60 28.62
C LYS B 335 -2.69 -3.39 27.92
N ASP B 336 -2.50 -3.45 26.59
CA ASP B 336 -1.84 -2.38 25.84
C ASP B 336 -2.72 -2.02 24.65
N GLU B 337 -3.78 -1.26 24.91
CA GLU B 337 -4.77 -0.98 23.88
C GLU B 337 -4.21 -0.07 22.78
N GLY B 338 -3.31 0.84 23.12
CA GLY B 338 -2.91 1.88 22.18
C GLY B 338 -1.64 1.65 21.41
N SER B 339 -0.85 0.64 21.80
CA SER B 339 0.48 0.46 21.20
C SER B 339 0.39 0.13 19.72
N TYR B 340 -0.65 -0.59 19.30
CA TYR B 340 -0.77 -1.01 17.90
C TYR B 340 -0.88 0.18 16.97
N PHE B 341 -1.55 1.25 17.41
CA PHE B 341 -1.88 2.37 16.54
C PHE B 341 -0.75 3.39 16.43
N LEU B 342 0.29 3.29 17.26
CA LEU B 342 1.33 4.31 17.26
C LEU B 342 2.23 4.22 16.03
N VAL B 343 2.33 3.04 15.42
CA VAL B 343 3.18 2.87 14.25
C VAL B 343 2.43 3.29 12.99
N TYR B 344 1.23 3.87 13.17
CA TYR B 344 0.40 4.32 12.07
C TYR B 344 0.24 5.83 12.02
N GLY B 345 1.25 6.57 12.48
CA GLY B 345 1.19 8.02 12.40
C GLY B 345 1.93 8.78 13.48
N ALA B 346 2.24 8.12 14.58
CA ALA B 346 2.93 8.81 15.67
C ALA B 346 4.41 8.96 15.33
N PRO B 347 5.00 10.14 15.50
CA PRO B 347 6.40 10.34 15.08
C PRO B 347 7.36 9.54 15.96
N GLY B 348 8.41 9.02 15.32
CA GLY B 348 9.44 8.27 16.01
C GLY B 348 9.13 6.81 16.25
N PHE B 349 7.95 6.34 15.85
CA PHE B 349 7.54 4.96 16.11
C PHE B 349 7.79 4.08 14.90
N SER B 350 8.25 2.87 15.16
CA SER B 350 8.48 1.88 14.11
C SER B 350 8.35 0.50 14.73
N LYS B 351 7.68 -0.42 14.02
CA LYS B 351 7.53 -1.77 14.53
C LYS B 351 8.82 -2.57 14.49
N ASP B 352 9.84 -2.08 13.79
CA ASP B 352 11.09 -2.81 13.62
C ASP B 352 12.24 -2.26 14.46
N ASN B 353 11.99 -1.24 15.27
CA ASN B 353 12.96 -0.85 16.30
C ASN B 353 12.27 -0.74 17.65
N GLU B 354 12.95 -0.18 18.65
CA GLU B 354 12.41 -0.13 20.00
C GLU B 354 11.48 1.07 20.22
N SER B 355 11.37 1.98 19.25
CA SER B 355 10.47 3.13 19.34
C SER B 355 10.74 3.96 20.59
N LEU B 356 12.02 4.15 20.90
CA LEU B 356 12.44 4.98 22.03
C LEU B 356 12.36 6.43 21.59
N ILE B 357 11.17 7.02 21.72
CA ILE B 357 10.92 8.34 21.16
C ILE B 357 11.50 9.42 22.09
N SER B 358 11.66 10.61 21.52
CA SER B 358 12.15 11.76 22.27
C SER B 358 10.98 12.54 22.87
N ARG B 359 11.32 13.50 23.73
CA ARG B 359 10.30 14.36 24.33
C ARG B 359 9.55 15.14 23.27
N ALA B 360 10.28 15.67 22.27
CA ALA B 360 9.63 16.40 21.19
C ALA B 360 8.68 15.51 20.40
N GLU B 361 9.08 14.26 20.18
CA GLU B 361 8.22 13.32 19.46
C GLU B 361 7.00 12.94 20.28
N PHE B 362 7.14 12.83 21.60
CA PHE B 362 5.99 12.57 22.46
C PHE B 362 5.00 13.71 22.41
N LEU B 363 5.49 14.96 22.48
CA LEU B 363 4.59 16.11 22.45
C LEU B 363 3.88 16.22 21.10
N ALA B 364 4.57 15.87 20.02
CA ALA B 364 3.91 15.85 18.71
C ALA B 364 2.94 14.68 18.60
N GLY B 365 3.29 13.54 19.19
CA GLY B 365 2.42 12.38 19.12
C GLY B 365 1.11 12.58 19.85
N VAL B 366 1.11 13.40 20.91
CA VAL B 366 -0.12 13.68 21.64
C VAL B 366 -1.12 14.38 20.73
N ARG B 367 -0.63 15.28 19.88
CA ARG B 367 -1.53 15.95 18.93
C ARG B 367 -2.07 14.99 17.89
N VAL B 368 -1.32 13.93 17.57
CA VAL B 368 -1.80 12.92 16.64
C VAL B 368 -2.74 11.96 17.34
N GLY B 369 -2.40 11.56 18.57
CA GLY B 369 -3.23 10.60 19.29
C GLY B 369 -4.51 11.21 19.84
N VAL B 370 -4.51 12.52 20.08
CA VAL B 370 -5.71 13.23 20.53
C VAL B 370 -6.00 14.36 19.55
N PRO B 371 -6.59 14.07 18.39
CA PRO B 371 -6.79 15.11 17.38
C PRO B 371 -7.97 16.02 17.71
N GLN B 372 -7.89 17.25 17.19
CA GLN B 372 -8.96 18.24 17.27
C GLN B 372 -9.28 18.60 18.73
N VAL B 373 -8.24 19.03 19.44
CA VAL B 373 -8.41 19.60 20.77
C VAL B 373 -7.55 20.85 20.87
N SER B 374 -7.96 21.76 21.75
CA SER B 374 -7.22 23.00 21.95
C SER B 374 -5.82 22.71 22.47
N ASP B 375 -4.92 23.67 22.24
CA ASP B 375 -3.56 23.53 22.76
C ASP B 375 -3.55 23.43 24.28
N LEU B 376 -4.53 24.05 24.94
CA LEU B 376 -4.65 23.92 26.38
C LEU B 376 -5.11 22.52 26.78
N ALA B 377 -5.97 21.90 25.96
CA ALA B 377 -6.37 20.52 26.23
C ALA B 377 -5.20 19.56 26.07
N ALA B 378 -4.32 19.82 25.10
CA ALA B 378 -3.14 18.98 24.93
C ALA B 378 -2.20 19.11 26.11
N GLU B 379 -2.03 20.34 26.63
CA GLU B 379 -1.18 20.53 27.80
C GLU B 379 -1.72 19.76 29.00
N ALA B 380 -3.04 19.64 29.12
CA ALA B 380 -3.62 18.84 30.20
C ALA B 380 -3.30 17.37 30.02
N VAL B 381 -3.34 16.87 28.78
CA VAL B 381 -2.98 15.48 28.52
C VAL B 381 -1.52 15.23 28.85
N VAL B 382 -0.64 16.17 28.47
CA VAL B 382 0.78 16.03 28.75
C VAL B 382 1.03 16.04 30.25
N LEU B 383 0.30 16.89 30.98
CA LEU B 383 0.46 16.93 32.44
C LEU B 383 0.11 15.59 33.06
N HIS B 384 -0.99 14.97 32.63
CA HIS B 384 -1.46 13.75 33.26
C HIS B 384 -0.59 12.55 32.91
N TYR B 385 0.01 12.55 31.72
CA TYR B 385 0.70 11.37 31.21
C TYR B 385 2.21 11.55 31.16
N THR B 386 2.76 12.47 31.94
CA THR B 386 4.20 12.66 32.03
C THR B 386 4.66 12.29 33.44
N ASP B 387 5.68 11.43 33.52
CA ASP B 387 6.38 11.19 34.78
C ASP B 387 7.33 12.36 34.98
N TRP B 388 6.94 13.30 35.84
CA TRP B 388 7.73 14.51 36.02
C TRP B 388 9.02 14.28 36.77
N LEU B 389 9.25 13.06 37.26
CA LEU B 389 10.55 12.67 37.77
C LEU B 389 11.46 12.13 36.66
N HIS B 390 10.87 11.61 35.59
CA HIS B 390 11.62 11.17 34.40
C HIS B 390 10.94 11.72 33.14
N PRO B 391 10.90 13.05 32.99
CA PRO B 391 10.10 13.62 31.88
C PRO B 391 10.68 13.38 30.50
N GLU B 392 11.90 12.85 30.40
CA GLU B 392 12.55 12.68 29.11
C GLU B 392 12.94 11.24 28.82
N ASP B 393 12.65 10.30 29.72
CA ASP B 393 12.98 8.90 29.50
C ASP B 393 12.22 8.35 28.30
N PRO B 394 12.92 7.90 27.25
CA PRO B 394 12.19 7.44 26.05
C PRO B 394 11.25 6.27 26.29
N ALA B 395 11.68 5.27 27.06
CA ALA B 395 10.82 4.10 27.30
C ALA B 395 9.55 4.50 28.04
N ARG B 396 9.68 5.38 29.03
CA ARG B 396 8.50 5.85 29.74
C ARG B 396 7.61 6.72 28.84
N LEU B 397 8.22 7.50 27.95
CA LEU B 397 7.43 8.28 27.01
C LEU B 397 6.73 7.40 25.99
N ARG B 398 7.34 6.27 25.61
CA ARG B 398 6.72 5.34 24.69
C ARG B 398 5.47 4.71 25.31
N GLU B 399 5.59 4.26 26.56
CA GLU B 399 4.44 3.67 27.24
C GLU B 399 3.38 4.73 27.56
N ALA B 400 3.79 5.98 27.74
CA ALA B 400 2.84 7.03 28.07
C ALA B 400 1.93 7.34 26.88
N LEU B 401 2.52 7.50 25.70
CA LEU B 401 1.71 7.79 24.52
C LEU B 401 0.78 6.63 24.18
N SER B 402 1.25 5.39 24.40
CA SER B 402 0.38 4.24 24.24
C SER B 402 -0.80 4.30 25.21
N ASP B 403 -0.53 4.70 26.46
CA ASP B 403 -1.62 4.88 27.42
C ASP B 403 -2.55 6.01 26.99
N VAL B 404 -1.98 7.07 26.40
CA VAL B 404 -2.81 8.18 25.93
C VAL B 404 -3.81 7.71 24.90
N VAL B 405 -3.33 6.97 23.90
CA VAL B 405 -4.20 6.51 22.82
C VAL B 405 -5.16 5.45 23.33
N GLY B 406 -4.68 4.53 24.18
CA GLY B 406 -5.52 3.45 24.65
C GLY B 406 -6.60 3.91 25.61
N ASP B 407 -6.24 4.80 26.54
CA ASP B 407 -7.24 5.31 27.49
C ASP B 407 -8.28 6.17 26.78
N HIS B 408 -7.82 7.06 25.90
CA HIS B 408 -8.73 7.98 25.22
C HIS B 408 -9.73 7.24 24.34
N ASN B 409 -9.29 6.18 23.66
CA ASN B 409 -10.10 5.53 22.64
C ASN B 409 -10.82 4.29 23.14
N VAL B 410 -10.27 3.56 24.11
CA VAL B 410 -10.84 2.27 24.47
C VAL B 410 -11.14 2.18 25.96
N VAL B 411 -10.11 2.26 26.80
CA VAL B 411 -10.25 1.89 28.21
C VAL B 411 -11.26 2.79 28.92
N CYS B 412 -11.18 4.09 28.69
CA CYS B 412 -12.05 5.03 29.39
C CYS B 412 -13.46 5.06 28.82
N PRO B 413 -13.64 5.01 27.48
CA PRO B 413 -15.01 4.82 26.98
C PRO B 413 -15.66 3.53 27.46
N VAL B 414 -14.88 2.47 27.61
CA VAL B 414 -15.44 1.21 28.10
C VAL B 414 -15.75 1.30 29.59
N ALA B 415 -14.86 1.91 30.37
CA ALA B 415 -15.09 2.04 31.80
C ALA B 415 -16.31 2.91 32.09
N GLN B 416 -16.50 3.97 31.30
CA GLN B 416 -17.69 4.81 31.47
C GLN B 416 -18.96 4.03 31.19
N LEU B 417 -18.96 3.23 30.11
CA LEU B 417 -20.13 2.43 29.77
C LEU B 417 -20.41 1.37 30.82
N ALA B 418 -19.36 0.71 31.33
CA ALA B 418 -19.55 -0.36 32.30
C ALA B 418 -20.17 0.17 33.59
N GLY B 419 -19.74 1.35 34.05
CA GLY B 419 -20.28 1.91 35.27
C GLY B 419 -21.72 2.37 35.10
N ARG B 420 -22.03 3.01 33.98
CA ARG B 420 -23.40 3.47 33.74
C ARG B 420 -24.36 2.30 33.59
N LEU B 421 -23.90 1.21 32.98
CA LEU B 421 -24.75 0.02 32.84
C LEU B 421 -25.04 -0.60 34.20
N ALA B 422 -24.00 -0.81 35.01
CA ALA B 422 -24.18 -1.47 36.30
C ALA B 422 -25.01 -0.62 37.25
N ALA B 423 -24.85 0.70 37.20
CA ALA B 423 -25.59 1.60 38.08
C ALA B 423 -27.01 1.84 37.60
N GLN B 424 -27.41 1.24 36.47
CA GLN B 424 -28.75 1.47 35.95
C GLN B 424 -29.47 0.17 35.58
N GLY B 425 -29.11 -0.95 36.20
CA GLY B 425 -29.89 -2.17 36.03
C GLY B 425 -29.12 -3.40 35.57
N ALA B 426 -28.11 -3.19 34.72
CA ALA B 426 -27.42 -4.31 34.10
C ALA B 426 -26.43 -4.96 35.07
N ARG B 427 -26.31 -6.28 34.97
CA ARG B 427 -25.27 -7.02 35.67
C ARG B 427 -24.04 -7.07 34.76
N VAL B 428 -22.96 -6.43 35.19
CA VAL B 428 -21.78 -6.22 34.37
C VAL B 428 -20.62 -7.05 34.93
N TYR B 429 -19.85 -7.66 34.04
CA TYR B 429 -18.60 -8.31 34.38
C TYR B 429 -17.49 -7.70 33.55
N ALA B 430 -16.36 -7.42 34.18
CA ALA B 430 -15.25 -6.73 33.53
C ALA B 430 -13.98 -7.57 33.63
N TYR B 431 -13.13 -7.43 32.63
CA TYR B 431 -11.86 -8.15 32.58
C TYR B 431 -10.78 -7.26 31.99
N VAL B 432 -9.53 -7.67 32.19
CA VAL B 432 -8.39 -7.09 31.50
C VAL B 432 -7.51 -8.24 31.04
N PHE B 433 -7.35 -8.38 29.72
CA PHE B 433 -6.58 -9.47 29.15
C PHE B 433 -5.10 -9.13 29.18
N GLU B 434 -4.30 -9.97 29.86
CA GLU B 434 -2.91 -9.63 30.15
C GLU B 434 -1.91 -10.68 29.68
N HIS B 435 -2.31 -11.63 28.84
CA HIS B 435 -1.38 -12.61 28.31
C HIS B 435 -1.01 -12.24 26.87
N ARG B 436 0.29 -12.19 26.61
CA ARG B 436 0.81 -11.96 25.28
C ARG B 436 1.10 -13.31 24.63
N ALA B 437 0.48 -13.57 23.49
CA ALA B 437 0.62 -14.86 22.82
C ALA B 437 2.09 -15.14 22.51
N SER B 438 2.50 -16.40 22.71
CA SER B 438 3.88 -16.79 22.47
C SER B 438 4.25 -16.68 21.00
N THR B 439 3.27 -16.70 20.10
CA THR B 439 3.51 -16.63 18.66
C THR B 439 3.33 -15.22 18.10
N LEU B 440 3.22 -14.22 18.95
CA LEU B 440 2.92 -12.87 18.49
C LEU B 440 4.08 -12.30 17.68
N SER B 441 3.75 -11.76 16.50
CA SER B 441 4.76 -11.25 15.58
C SER B 441 5.04 -9.76 15.74
N TRP B 442 4.16 -9.02 16.40
CA TRP B 442 4.43 -7.62 16.69
C TRP B 442 5.59 -7.51 17.68
N PRO B 443 6.30 -6.37 17.69
CA PRO B 443 7.47 -6.24 18.57
C PRO B 443 7.08 -6.37 20.05
N LEU B 444 8.09 -6.69 20.86
CA LEU B 444 7.86 -6.95 22.27
C LEU B 444 7.36 -5.71 23.01
N TRP B 445 7.82 -4.52 22.61
CA TRP B 445 7.43 -3.32 23.34
C TRP B 445 5.95 -3.00 23.19
N MET B 446 5.26 -3.61 22.23
CA MET B 446 3.83 -3.40 22.09
C MET B 446 3.02 -4.14 23.14
N GLY B 447 3.60 -5.14 23.79
CA GLY B 447 2.93 -5.87 24.86
C GLY B 447 1.78 -6.73 24.37
N VAL B 448 0.58 -6.48 24.90
CA VAL B 448 -0.62 -7.17 24.48
C VAL B 448 -1.45 -6.20 23.65
N PRO B 449 -1.25 -6.14 22.34
CA PRO B 449 -1.85 -5.08 21.53
C PRO B 449 -3.35 -5.28 21.32
N HIS B 450 -3.96 -4.24 20.75
CA HIS B 450 -5.38 -4.25 20.43
C HIS B 450 -5.73 -5.39 19.49
N GLY B 451 -6.60 -6.30 19.95
CA GLY B 451 -7.13 -7.35 19.11
C GLY B 451 -6.56 -8.73 19.32
N TYR B 452 -5.58 -8.89 20.20
CA TYR B 452 -4.88 -10.16 20.34
C TYR B 452 -5.31 -10.95 21.56
N GLU B 453 -6.56 -10.75 21.99
CA GLU B 453 -7.26 -11.70 22.83
C GLU B 453 -8.22 -12.58 22.03
N ILE B 454 -8.46 -12.24 20.77
CA ILE B 454 -9.46 -12.93 19.96
C ILE B 454 -9.04 -14.37 19.70
N GLU B 455 -7.75 -14.60 19.41
CA GLU B 455 -7.28 -15.94 19.13
C GLU B 455 -7.55 -16.90 20.29
N PHE B 456 -7.50 -16.38 21.52
CA PHE B 456 -7.72 -17.24 22.68
C PHE B 456 -9.21 -17.43 22.97
N ILE B 457 -10.04 -16.44 22.65
CA ILE B 457 -11.48 -16.60 22.83
C ILE B 457 -12.01 -17.67 21.88
N PHE B 458 -11.52 -17.69 20.64
CA PHE B 458 -11.97 -18.64 19.63
C PHE B 458 -11.22 -19.97 19.68
N GLY B 459 -10.33 -20.16 20.66
CA GLY B 459 -9.68 -21.43 20.83
C GLY B 459 -8.67 -21.79 19.75
N ILE B 460 -8.15 -20.82 19.03
CA ILE B 460 -7.17 -21.04 17.96
C ILE B 460 -5.95 -21.82 18.46
N PRO B 461 -5.46 -21.63 19.69
CA PRO B 461 -4.34 -22.47 20.16
C PRO B 461 -4.59 -23.96 20.08
N LEU B 462 -5.85 -24.40 19.95
CA LEU B 462 -6.12 -25.83 19.82
C LEU B 462 -5.77 -26.37 18.43
N ASP B 463 -5.58 -25.48 17.46
CA ASP B 463 -5.17 -25.89 16.12
C ASP B 463 -3.84 -26.62 16.18
N PRO B 464 -3.78 -27.89 15.79
CA PRO B 464 -2.51 -28.64 15.88
C PRO B 464 -1.45 -28.16 14.90
N SER B 465 -1.82 -27.38 13.89
CA SER B 465 -0.88 -26.84 12.94
C SER B 465 -0.23 -25.53 13.42
N ARG B 466 -0.35 -25.20 14.70
CA ARG B 466 0.21 -23.98 15.25
C ARG B 466 1.13 -24.32 16.42
N ASN B 467 2.06 -23.40 16.69
CA ASN B 467 3.12 -23.60 17.69
C ASN B 467 2.77 -23.00 19.05
N TYR B 468 1.50 -23.05 19.45
CA TYR B 468 1.13 -22.58 20.77
C TYR B 468 1.63 -23.54 21.83
N THR B 469 1.90 -23.00 23.02
CA THR B 469 2.37 -23.83 24.13
C THR B 469 1.21 -24.59 24.76
N ALA B 470 1.56 -25.59 25.57
CA ALA B 470 0.54 -26.39 26.24
C ALA B 470 -0.23 -25.55 27.25
N GLU B 471 0.45 -24.62 27.94
CA GLU B 471 -0.23 -23.75 28.89
C GLU B 471 -1.22 -22.83 28.19
N GLU B 472 -0.90 -22.39 26.96
CA GLU B 472 -1.83 -21.56 26.21
C GLU B 472 -3.05 -22.35 25.76
N LYS B 473 -2.89 -23.67 25.56
CA LYS B 473 -4.03 -24.51 25.21
C LYS B 473 -5.02 -24.59 26.37
N ILE B 474 -4.51 -24.85 27.58
CA ILE B 474 -5.36 -24.87 28.76
C ILE B 474 -5.99 -23.50 28.99
N PHE B 475 -5.21 -22.44 28.77
CA PHE B 475 -5.70 -21.08 28.96
C PHE B 475 -6.84 -20.78 28.00
N ALA B 476 -6.73 -21.24 26.75
CA ALA B 476 -7.79 -21.00 25.77
C ALA B 476 -9.09 -21.69 26.19
N GLN B 477 -8.98 -22.90 26.74
CA GLN B 477 -10.18 -23.61 27.18
C GLN B 477 -10.83 -22.92 28.38
N ARG B 478 -10.04 -22.32 29.26
CA ARG B 478 -10.59 -21.54 30.36
C ARG B 478 -11.44 -20.39 29.84
N LEU B 479 -10.91 -19.65 28.87
CA LEU B 479 -11.62 -18.49 28.35
C LEU B 479 -12.88 -18.89 27.60
N MET B 480 -12.82 -19.98 26.84
CA MET B 480 -14.00 -20.45 26.12
C MET B 480 -15.11 -20.85 27.08
N ARG B 481 -14.74 -21.45 28.22
CA ARG B 481 -15.74 -21.76 29.24
C ARG B 481 -16.32 -20.48 29.84
N TYR B 482 -15.48 -19.49 30.12
CA TYR B 482 -15.96 -18.20 30.61
C TYR B 482 -16.99 -17.62 29.65
N TRP B 483 -16.64 -17.54 28.36
CA TRP B 483 -17.52 -16.91 27.38
C TRP B 483 -18.79 -17.72 27.18
N ALA B 484 -18.68 -19.06 27.20
CA ALA B 484 -19.86 -19.89 27.01
C ALA B 484 -20.75 -19.88 28.24
N ASN B 485 -20.16 -19.87 29.43
CA ASN B 485 -20.95 -19.78 30.66
C ASN B 485 -21.77 -18.50 30.68
N PHE B 486 -21.17 -17.38 30.26
CA PHE B 486 -21.91 -16.13 30.18
C PHE B 486 -23.02 -16.21 29.15
N ALA B 487 -22.76 -16.90 28.03
CA ALA B 487 -23.79 -17.04 27.01
C ALA B 487 -24.95 -17.91 27.50
N ARG B 488 -24.65 -18.95 28.28
CA ARG B 488 -25.69 -19.85 28.77
C ARG B 488 -26.47 -19.22 29.92
N THR B 489 -25.76 -18.78 30.97
CA THR B 489 -26.39 -18.39 32.22
C THR B 489 -26.35 -16.89 32.50
N GLY B 490 -25.62 -16.11 31.70
CA GLY B 490 -25.41 -14.72 32.04
C GLY B 490 -24.39 -14.48 33.12
N ASP B 491 -23.65 -15.52 33.51
CA ASP B 491 -22.64 -15.47 34.56
C ASP B 491 -21.43 -16.27 34.11
N PRO B 492 -20.26 -15.65 33.98
CA PRO B 492 -19.07 -16.40 33.52
C PRO B 492 -18.59 -17.45 34.50
N ASN B 493 -19.03 -17.41 35.75
CA ASN B 493 -18.56 -18.37 36.75
C ASN B 493 -19.23 -19.72 36.56
N GLU B 494 -18.54 -20.77 37.01
CA GLU B 494 -19.05 -22.12 36.85
C GLU B 494 -20.22 -22.35 37.81
N PRO B 495 -21.38 -22.79 37.31
CA PRO B 495 -22.52 -22.99 38.21
C PRO B 495 -22.30 -24.09 39.24
N ARG B 496 -21.66 -25.19 38.87
CA ARG B 496 -21.40 -26.30 39.77
C ARG B 496 -19.98 -26.26 40.33
N ASP B 497 -19.49 -25.10 40.75
CA ASP B 497 -18.10 -25.02 41.20
C ASP B 497 -17.85 -23.82 42.10
N PRO B 498 -17.76 -24.02 43.41
CA PRO B 498 -17.20 -22.99 44.30
C PRO B 498 -15.70 -23.14 44.52
N LYS B 499 -15.08 -24.18 43.95
CA LYS B 499 -13.65 -24.41 44.14
C LYS B 499 -12.82 -23.39 43.37
N ALA B 500 -13.13 -23.22 42.09
CA ALA B 500 -12.36 -22.30 41.25
C ALA B 500 -12.50 -20.87 41.74
N PRO B 501 -11.50 -20.02 41.50
CA PRO B 501 -11.61 -18.61 41.91
C PRO B 501 -12.79 -17.94 41.21
N GLN B 502 -13.47 -17.07 41.96
CA GLN B 502 -14.73 -16.49 41.52
C GLN B 502 -14.51 -15.13 40.87
N TRP B 503 -15.40 -14.81 39.92
CA TRP B 503 -15.36 -13.58 39.14
C TRP B 503 -16.47 -12.65 39.63
N PRO B 504 -16.15 -11.63 40.43
CA PRO B 504 -17.21 -10.77 40.96
C PRO B 504 -17.75 -9.84 39.89
N PRO B 505 -19.02 -9.47 39.97
CA PRO B 505 -19.56 -8.48 39.03
C PRO B 505 -18.87 -7.13 39.19
N TYR B 506 -19.01 -6.30 38.15
CA TYR B 506 -18.46 -4.96 38.15
C TYR B 506 -19.58 -3.99 38.54
N THR B 507 -19.35 -3.25 39.61
CA THR B 507 -20.31 -2.26 40.10
C THR B 507 -19.73 -0.86 39.98
N ALA B 508 -20.62 0.14 39.97
CA ALA B 508 -20.18 1.52 39.84
C ALA B 508 -19.36 1.97 41.04
N GLY B 509 -19.51 1.32 42.19
CA GLY B 509 -18.77 1.68 43.38
C GLY B 509 -17.49 0.90 43.57
N ALA B 510 -17.62 -0.42 43.70
CA ALA B 510 -16.44 -1.26 43.92
C ALA B 510 -15.55 -1.33 42.68
N GLN B 511 -16.18 -1.40 41.50
CA GLN B 511 -15.47 -1.39 40.22
C GLN B 511 -14.44 -2.51 40.14
N GLN B 512 -14.91 -3.73 40.40
CA GLN B 512 -14.05 -4.90 40.41
C GLN B 512 -13.97 -5.54 39.03
N TYR B 513 -12.76 -5.92 38.63
CA TYR B 513 -12.52 -6.65 37.40
C TYR B 513 -11.49 -7.73 37.70
N VAL B 514 -11.33 -8.66 36.76
CA VAL B 514 -10.37 -9.75 36.92
C VAL B 514 -9.34 -9.67 35.81
N SER B 515 -8.14 -10.14 36.11
CA SER B 515 -7.07 -10.24 35.12
C SER B 515 -7.10 -11.62 34.48
N LEU B 516 -7.13 -11.64 33.15
CA LEU B 516 -7.16 -12.89 32.39
C LEU B 516 -5.76 -13.18 31.87
N ASP B 517 -5.14 -14.23 32.41
CA ASP B 517 -3.80 -14.64 32.00
C ASP B 517 -3.62 -16.10 32.40
N LEU B 518 -2.37 -16.58 32.31
CA LEU B 518 -2.09 -17.97 32.64
C LEU B 518 -2.29 -18.26 34.13
N ARG B 519 -2.08 -17.26 34.98
CA ARG B 519 -2.32 -17.42 36.40
C ARG B 519 -3.81 -17.46 36.67
N PRO B 520 -4.23 -18.03 37.81
CA PRO B 520 -5.65 -18.04 38.17
C PRO B 520 -6.22 -16.63 38.26
N LEU B 521 -7.55 -16.57 38.34
CA LEU B 521 -8.24 -15.29 38.38
C LEU B 521 -7.78 -14.46 39.57
N GLU B 522 -7.53 -13.18 39.32
CA GLU B 522 -7.13 -12.23 40.34
C GLU B 522 -8.01 -11.00 40.26
N VAL B 523 -8.62 -10.64 41.38
CA VAL B 523 -9.58 -9.53 41.41
C VAL B 523 -8.84 -8.24 41.67
N ARG B 524 -9.14 -7.21 40.87
CA ARG B 524 -8.58 -5.89 41.03
C ARG B 524 -9.71 -4.86 41.06
N ARG B 525 -9.38 -3.65 41.47
CA ARG B 525 -10.35 -2.57 41.60
C ARG B 525 -9.86 -1.35 40.84
N GLY B 526 -10.73 -0.80 39.99
CA GLY B 526 -10.38 0.41 39.25
C GLY B 526 -9.89 0.16 37.84
N LEU B 527 -10.73 0.46 36.85
CA LEU B 527 -10.35 0.33 35.45
C LEU B 527 -9.64 1.61 35.00
N ARG B 528 -8.40 1.76 35.48
CA ARG B 528 -7.61 2.97 35.29
C ARG B 528 -8.41 4.20 35.76
N ALA B 529 -8.82 4.14 37.02
CA ALA B 529 -9.78 5.11 37.55
C ALA B 529 -9.22 6.53 37.53
N GLN B 530 -7.95 6.69 37.89
CA GLN B 530 -7.35 8.02 37.94
C GLN B 530 -7.28 8.63 36.55
N ALA B 531 -6.80 7.87 35.56
CA ALA B 531 -6.64 8.41 34.22
C ALA B 531 -8.00 8.65 33.56
N CYS B 532 -8.96 7.78 33.81
CA CYS B 532 -10.27 7.90 33.17
C CYS B 532 -11.11 9.02 33.75
N ALA B 533 -10.82 9.45 34.98
CA ALA B 533 -11.48 10.64 35.51
C ALA B 533 -11.08 11.89 34.73
N PHE B 534 -9.84 11.91 34.21
CA PHE B 534 -9.42 13.03 33.38
C PHE B 534 -10.19 13.08 32.07
N TRP B 535 -10.33 11.92 31.41
CA TRP B 535 -11.01 11.88 30.12
C TRP B 535 -12.51 12.03 30.27
N ASN B 536 -13.12 11.33 31.24
CA ASN B 536 -14.56 11.27 31.34
C ASN B 536 -15.17 12.43 32.13
N ARG B 537 -14.41 13.06 33.03
CA ARG B 537 -14.96 14.09 33.89
C ARG B 537 -14.39 15.47 33.65
N PHE B 538 -13.06 15.61 33.57
CA PHE B 538 -12.46 16.94 33.52
C PHE B 538 -12.36 17.49 32.10
N LEU B 539 -11.78 16.72 31.18
CA LEU B 539 -11.55 17.23 29.82
C LEU B 539 -12.80 17.77 29.14
N PRO B 540 -13.99 17.18 29.27
CA PRO B 540 -15.18 17.84 28.71
C PRO B 540 -15.44 19.22 29.30
N LYS B 541 -15.30 19.36 30.63
CA LYS B 541 -15.45 20.67 31.26
C LYS B 541 -14.42 21.66 30.72
N LEU B 542 -13.24 21.18 30.35
CA LEU B 542 -12.21 22.05 29.80
C LEU B 542 -12.59 22.50 28.40
N LEU B 543 -13.02 21.56 27.54
CA LEU B 543 -13.33 21.91 26.16
C LEU B 543 -14.59 22.76 26.04
N SER B 544 -15.48 22.73 27.04
CA SER B 544 -16.64 23.61 27.03
C SER B 544 -16.22 25.06 27.20
N ALA B 545 -15.37 25.33 28.20
CA ALA B 545 -14.79 26.66 28.36
C ALA B 545 -13.74 26.98 27.31
N THR B 546 -13.42 26.01 26.44
CA THR B 546 -12.46 26.15 25.34
C THR B 546 -11.24 27.03 25.68
#